data_7MLH
#
_entry.id   7MLH
#
_cell.length_a   51.776
_cell.length_b   231.458
_cell.length_c   51.791
_cell.angle_alpha   90.000
_cell.angle_beta   94.338
_cell.angle_gamma   90.000
#
_symmetry.space_group_name_H-M   'P 1 21 1'
#
loop_
_entity.id
_entity.type
_entity.pdbx_description
1 polymer 'IgE Light Chain'
2 polymer 'Der p 2 variant 3'
3 polymer 'IgE Heavy chain'
4 non-polymer 'SULFATE ION'
5 non-polymer 'CHLORIDE ION'
6 water water
#
loop_
_entity_poly.entity_id
_entity_poly.type
_entity_poly.pdbx_seq_one_letter_code
_entity_poly.pdbx_strand_id
1 'polypeptide(L)'
;DIQMTQSPSTLSASVGDRVTITCRASQNINNWLAWYQQKPGKAPNLLIYKASTLETGVPSRFSGSGSGTEFTLTISSLQP
DDLATYYCQQYHSHRTFGQGTKVEVKGQPKANPTVTLFPPSSEELQANKATLVCLISDFYPGAVTVAWKADGSPVKAGVE
TTKPSKQSNNKYAASSYLSLTPEQWKSHRSYSCQVTHEGSTVEKTVAPTECS
;
A,D
2 'polypeptide(L)'
;DQVDVKDCANHEIKKVLVPGCHGSEPCIIHRGKPFQLEALFEANQNSKTAKIEIKASIDGLEVDVPGIDPNACHYMKCPL
VKGQQYDIKYTWNVPKIAPKSENVVVTVKVMGDNGVLACAIATHAKIRD
;
B,F
3 'polypeptide(L)'
;QVQLVQSGAEVKKPGSSVKVSCKASGGTFNTYSLSWVRQAPGQGLEWMGGIIPNFGRGNYAQKFQGRVTITADESSAYME
LSSLRSEDTAVYYCATFRLTGYSGSGSYWGQGTLVTVSSASTKGPSVFPLAPSSKSTSGGTAALGCLVKDYFPEPVTVSW
NSGALTSGVHTFPAVLQSSGLYSLSSVVTVPSSSLGTQTYICNVNHKPSNTKVDKKVEPKSCHHHHHH
;
C,E
#
loop_
_chem_comp.id
_chem_comp.type
_chem_comp.name
_chem_comp.formula
CL non-polymer 'CHLORIDE ION' 'Cl -1'
SO4 non-polymer 'SULFATE ION' 'O4 S -2'
#
# COMPACT_ATOMS: atom_id res chain seq x y z
N ASP A 1 23.57 18.80 8.69
CA ASP A 1 22.34 19.21 7.98
C ASP A 1 21.14 18.77 8.81
N ILE A 2 20.22 19.69 9.06
CA ILE A 2 18.98 19.34 9.82
C ILE A 2 17.92 18.86 8.84
N GLN A 3 17.40 17.65 9.04
CA GLN A 3 16.37 17.06 8.15
C GLN A 3 15.00 17.19 8.83
N MET A 4 13.98 17.53 8.05
CA MET A 4 12.59 17.65 8.60
C MET A 4 11.76 16.50 8.03
N THR A 5 11.20 15.66 8.90
CA THR A 5 10.31 14.56 8.45
C THR A 5 8.87 14.98 8.74
N GLN A 6 8.07 15.16 7.70
CA GLN A 6 6.68 15.64 7.85
C GLN A 6 5.71 14.47 7.59
N SER A 7 4.72 14.29 8.45
CA SER A 7 3.70 13.22 8.26
C SER A 7 2.31 13.80 8.57
N PRO A 8 1.23 13.35 7.89
CA PRO A 8 1.32 12.50 6.69
C PRO A 8 1.68 13.25 5.41
N SER A 9 2.03 12.56 4.34
CA SER A 9 2.24 13.24 3.03
C SER A 9 0.90 13.73 2.47
N THR A 10 -0.17 12.96 2.66
CA THR A 10 -1.52 13.36 2.19
C THR A 10 -2.55 13.09 3.29
N LEU A 11 -3.46 14.02 3.52
CA LEU A 11 -4.51 13.87 4.54
C LEU A 11 -5.87 14.16 3.92
N SER A 12 -6.82 13.23 4.05
CA SER A 12 -8.20 13.43 3.56
C SER A 12 -9.13 13.51 4.75
N ALA A 13 -9.92 14.56 4.83
CA ALA A 13 -10.90 14.71 5.92
C ALA A 13 -12.09 15.55 5.45
N SER A 14 -13.15 15.59 6.25
CA SER A 14 -14.39 16.32 5.92
C SER A 14 -14.38 17.69 6.58
N VAL A 15 -15.22 18.59 6.06
CA VAL A 15 -15.39 19.94 6.67
C VAL A 15 -15.79 19.77 8.14
N GLY A 16 -15.16 20.53 9.04
CA GLY A 16 -15.47 20.49 10.48
C GLY A 16 -14.62 19.51 11.26
N ASP A 17 -13.88 18.65 10.57
CA ASP A 17 -12.99 17.68 11.25
C ASP A 17 -11.72 18.35 11.78
N ARG A 18 -11.09 17.74 12.77
CA ARG A 18 -9.81 18.26 13.29
C ARG A 18 -8.69 17.49 12.63
N VAL A 19 -7.79 18.19 11.95
CA VAL A 19 -6.65 17.53 11.26
C VAL A 19 -5.36 17.98 11.95
N THR A 20 -4.41 17.06 12.13
CA THR A 20 -3.13 17.39 12.76
C THR A 20 -2.00 16.92 11.84
N ILE A 21 -1.03 17.80 11.59
CA ILE A 21 0.12 17.47 10.71
C ILE A 21 1.36 17.47 11.60
N THR A 22 2.21 16.48 11.44
CA THR A 22 3.38 16.32 12.34
C THR A 22 4.68 16.62 11.60
N CYS A 23 5.63 17.26 12.28
CA CYS A 23 6.97 17.52 11.68
C CYS A 23 8.04 17.19 12.72
N ARG A 24 8.97 16.33 12.37
CA ARG A 24 10.05 15.93 13.30
C ARG A 24 11.39 16.44 12.76
N ALA A 25 12.20 17.03 13.62
CA ALA A 25 13.54 17.55 13.22
C ALA A 25 14.62 16.55 13.64
N SER A 26 15.62 16.31 12.78
CA SER A 26 16.68 15.31 12.99
C SER A 26 17.56 15.73 14.20
N GLN A 27 17.53 17.01 14.59
CA GLN A 27 18.18 17.46 15.85
C GLN A 27 17.42 18.64 16.42
N ASN A 28 17.82 19.12 17.60
CA ASN A 28 17.12 20.24 18.28
C ASN A 28 17.05 21.49 17.40
N ILE A 29 15.85 22.07 17.27
CA ILE A 29 15.70 23.34 16.51
C ILE A 29 15.06 24.37 17.46
N ASN A 30 15.08 24.07 18.76
CA ASN A 30 14.44 24.95 19.77
C ASN A 30 12.99 25.20 19.36
N ASN A 31 12.58 26.46 19.32
CA ASN A 31 11.22 26.82 18.86
C ASN A 31 11.30 27.37 17.44
N TRP A 32 12.44 27.24 16.76
CA TRP A 32 12.60 27.87 15.43
C TRP A 32 11.98 27.00 14.35
N LEU A 33 10.66 26.93 14.34
CA LEU A 33 9.90 26.11 13.35
C LEU A 33 8.79 26.99 12.78
N ALA A 34 8.65 26.99 11.45
CA ALA A 34 7.59 27.78 10.80
C ALA A 34 6.65 26.84 10.04
N TRP A 35 5.41 27.28 9.84
CA TRP A 35 4.43 26.51 9.02
C TRP A 35 3.90 27.40 7.90
N TYR A 36 4.01 26.92 6.68
CA TYR A 36 3.51 27.68 5.52
C TYR A 36 2.37 26.93 4.85
N GLN A 37 1.43 27.66 4.29
CA GLN A 37 0.32 27.06 3.51
C GLN A 37 0.52 27.49 2.06
N GLN A 38 0.48 26.54 1.12
CA GLN A 38 0.53 26.91 -0.30
C GLN A 38 -0.78 26.46 -0.96
N LYS A 39 -1.63 27.43 -1.31
CA LYS A 39 -2.88 27.10 -2.02
C LYS A 39 -2.52 26.81 -3.47
N PRO A 40 -3.31 26.01 -4.21
CA PRO A 40 -2.94 25.64 -5.56
C PRO A 40 -2.69 26.82 -6.51
N GLY A 41 -1.59 26.79 -7.25
CA GLY A 41 -1.27 27.86 -8.21
C GLY A 41 -0.82 29.14 -7.54
N LYS A 42 -0.44 29.09 -6.27
CA LYS A 42 -0.13 30.34 -5.53
C LYS A 42 1.22 30.24 -4.81
N ALA A 43 1.77 31.39 -4.39
CA ALA A 43 3.03 31.40 -3.62
C ALA A 43 2.77 30.98 -2.18
N PRO A 44 3.76 30.40 -1.47
CA PRO A 44 3.59 30.05 -0.08
C PRO A 44 3.28 31.23 0.84
N ASN A 45 2.48 31.02 1.88
CA ASN A 45 2.10 32.08 2.84
C ASN A 45 2.32 31.58 4.26
N LEU A 46 2.88 32.41 5.13
CA LEU A 46 3.19 31.97 6.51
C LEU A 46 1.93 31.88 7.36
N LEU A 47 1.80 30.78 8.10
CA LEU A 47 0.69 30.64 9.06
C LEU A 47 1.24 30.76 10.48
N ILE A 48 2.35 30.09 10.75
CA ILE A 48 2.87 30.04 12.14
C ILE A 48 4.39 30.23 12.17
N TYR A 49 4.88 30.93 13.18
CA TYR A 49 6.35 31.11 13.36
C TYR A 49 6.67 30.90 14.83
N LYS A 50 7.91 30.53 15.14
CA LYS A 50 8.33 30.27 16.53
C LYS A 50 7.46 29.14 17.09
N ALA A 51 7.08 28.17 16.25
CA ALA A 51 6.32 26.97 16.68
C ALA A 51 4.84 27.25 16.97
N SER A 52 4.53 28.28 17.77
CA SER A 52 3.13 28.48 18.20
C SER A 52 2.61 29.90 17.94
N THR A 53 3.38 30.75 17.26
CA THR A 53 2.93 32.15 17.10
C THR A 53 2.18 32.31 15.77
N LEU A 54 0.94 32.76 15.86
CA LEU A 54 0.10 32.91 14.65
C LEU A 54 0.50 34.15 13.86
N GLU A 55 0.59 34.04 12.55
CA GLU A 55 0.85 35.23 11.72
C GLU A 55 -0.41 36.09 11.74
N THR A 56 -0.26 37.40 11.51
CA THR A 56 -1.43 38.31 11.52
C THR A 56 -2.43 37.91 10.43
N GLY A 57 -3.71 37.78 10.78
CA GLY A 57 -4.76 37.49 9.79
C GLY A 57 -5.05 36.01 9.61
N VAL A 58 -4.20 35.14 10.16
CA VAL A 58 -4.42 33.68 10.07
C VAL A 58 -5.59 33.34 10.98
N PRO A 59 -6.57 32.52 10.52
CA PRO A 59 -7.71 32.16 11.33
C PRO A 59 -7.34 31.38 12.60
N SER A 60 -8.13 31.52 13.66
CA SER A 60 -7.87 30.89 14.98
C SER A 60 -7.91 29.36 14.94
N ARG A 61 -8.53 28.79 13.91
CA ARG A 61 -8.60 27.30 13.76
C ARG A 61 -7.19 26.74 13.64
N PHE A 62 -6.27 27.53 13.09
CA PHE A 62 -4.85 27.09 12.97
C PHE A 62 -4.10 27.27 14.29
N SER A 63 -3.44 26.23 14.75
CA SER A 63 -2.63 26.29 15.99
C SER A 63 -1.34 25.50 15.78
N GLY A 64 -0.30 25.83 16.52
CA GLY A 64 1.01 25.15 16.40
C GLY A 64 1.51 24.73 17.76
N SER A 65 2.22 23.61 17.83
CA SER A 65 2.74 23.10 19.11
C SER A 65 4.04 22.32 18.86
N GLY A 66 4.74 21.92 19.93
CA GLY A 66 5.94 21.09 19.71
C GLY A 66 6.64 20.52 20.94
N SER A 67 7.54 19.54 20.74
CA SER A 67 8.36 18.93 21.81
C SER A 67 9.86 19.20 21.57
N GLY A 68 10.23 20.18 20.74
CA GLY A 68 11.63 20.60 20.53
C GLY A 68 12.27 19.90 19.35
N THR A 69 11.87 18.66 19.07
CA THR A 69 12.30 17.96 17.83
C THR A 69 10.99 17.52 17.16
N GLU A 70 9.89 17.59 17.90
CA GLU A 70 8.58 17.11 17.39
C GLU A 70 7.60 18.28 17.37
N PHE A 71 6.98 18.54 16.23
CA PHE A 71 6.10 19.72 16.12
C PHE A 71 4.81 19.33 15.41
N THR A 72 3.72 20.01 15.77
CA THR A 72 2.41 19.68 15.17
C THR A 72 1.65 20.91 14.71
N LEU A 73 0.99 20.82 13.56
CA LEU A 73 0.07 21.87 13.10
C LEU A 73 -1.34 21.28 13.19
N THR A 74 -2.29 21.98 13.81
CA THR A 74 -3.68 21.55 14.01
C THR A 74 -4.60 22.53 13.32
N ILE A 75 -5.54 22.00 12.54
CA ILE A 75 -6.73 22.77 12.08
C ILE A 75 -7.93 22.22 12.87
N SER A 76 -8.47 23.01 13.80
CA SER A 76 -9.49 22.55 14.77
C SER A 76 -10.80 22.21 14.02
N SER A 77 -11.09 22.84 12.90
CA SER A 77 -12.33 22.59 12.12
C SER A 77 -12.08 22.90 10.64
N LEU A 78 -11.81 21.86 9.85
CA LEU A 78 -11.28 21.96 8.48
C LEU A 78 -12.32 22.68 7.61
N GLN A 79 -11.92 23.68 6.84
CA GLN A 79 -12.84 24.44 5.96
C GLN A 79 -12.42 24.21 4.51
N PRO A 80 -13.28 24.50 3.51
CA PRO A 80 -12.91 24.32 2.11
C PRO A 80 -11.71 25.20 1.72
N ASP A 81 -11.59 26.39 2.32
CA ASP A 81 -10.44 27.32 2.07
C ASP A 81 -9.11 26.67 2.50
N ASP A 82 -9.16 25.69 3.40
CA ASP A 82 -7.94 25.02 3.92
C ASP A 82 -7.39 24.00 2.93
N LEU A 83 -8.07 23.74 1.81
CA LEU A 83 -7.43 22.79 0.84
C LEU A 83 -6.14 23.45 0.37
N ALA A 84 -5.01 22.80 0.60
CA ALA A 84 -3.69 23.39 0.28
C ALA A 84 -2.60 22.39 0.63
N THR A 85 -1.36 22.73 0.31
CA THR A 85 -0.21 21.90 0.74
C THR A 85 0.49 22.68 1.87
N TYR A 86 0.74 22.01 2.98
CA TYR A 86 1.32 22.66 4.18
C TYR A 86 2.75 22.18 4.38
N TYR A 87 3.68 23.11 4.60
CA TYR A 87 5.12 22.76 4.74
C TYR A 87 5.70 23.30 6.04
N CYS A 88 6.34 22.44 6.83
CA CYS A 88 7.08 22.92 8.02
C CYS A 88 8.45 23.43 7.55
N GLN A 89 9.02 24.39 8.25
CA GLN A 89 10.40 24.84 7.92
C GLN A 89 11.19 25.19 9.19
N GLN A 90 12.34 24.55 9.40
CA GLN A 90 13.21 24.90 10.54
C GLN A 90 14.06 26.12 10.16
N TYR A 91 14.26 27.06 11.09
CA TYR A 91 15.13 28.24 10.84
C TYR A 91 16.15 28.38 12.00
N HIS A 92 16.46 27.27 12.66
CA HIS A 92 17.47 27.26 13.76
C HIS A 92 18.88 27.27 13.18
N SER A 93 19.14 26.38 12.22
CA SER A 93 20.47 26.31 11.56
C SER A 93 20.19 26.22 10.06
N HIS A 94 20.59 27.24 9.30
CA HIS A 94 20.20 27.31 7.86
C HIS A 94 18.67 27.21 7.81
N ARG A 95 18.11 26.70 6.72
CA ARG A 95 16.65 26.48 6.66
C ARG A 95 16.38 25.14 5.96
N THR A 96 15.45 24.36 6.49
CA THR A 96 15.05 23.08 5.83
C THR A 96 13.52 22.97 5.83
N PHE A 97 12.94 22.67 4.68
CA PHE A 97 11.47 22.50 4.58
C PHE A 97 11.11 21.03 4.65
N GLY A 98 10.00 20.69 5.30
CA GLY A 98 9.49 19.32 5.25
C GLY A 98 9.02 18.98 3.83
N GLN A 99 8.69 17.73 3.54
CA GLN A 99 8.22 17.26 2.20
C GLN A 99 6.85 17.85 1.87
N GLY A 100 6.11 18.35 2.85
CA GLY A 100 4.79 18.93 2.60
C GLY A 100 3.67 17.89 2.87
N THR A 101 2.49 18.37 3.31
CA THR A 101 1.29 17.59 3.51
C THR A 101 0.20 18.21 2.66
N LYS A 102 -0.27 17.49 1.64
CA LYS A 102 -1.47 17.88 0.87
C LYS A 102 -2.74 17.55 1.65
N VAL A 103 -3.54 18.57 1.96
CA VAL A 103 -4.81 18.43 2.71
C VAL A 103 -5.97 18.50 1.73
N GLU A 104 -6.74 17.42 1.65
CA GLU A 104 -7.97 17.30 0.82
C GLU A 104 -9.17 17.41 1.75
N VAL A 105 -10.09 18.28 1.37
CA VAL A 105 -11.31 18.61 2.14
C VAL A 105 -12.46 17.90 1.43
N LYS A 106 -12.99 16.85 2.04
CA LYS A 106 -14.07 15.99 1.46
C LYS A 106 -15.42 16.48 1.91
N GLY A 107 -16.48 15.84 1.41
CA GLY A 107 -17.85 16.02 1.90
C GLY A 107 -18.47 17.29 1.37
N GLN A 108 -17.94 17.88 0.30
CA GLN A 108 -18.54 19.15 -0.16
C GLN A 108 -19.65 18.82 -1.17
N PRO A 109 -20.66 19.69 -1.36
CA PRO A 109 -21.71 19.43 -2.35
C PRO A 109 -21.19 19.36 -3.80
N LYS A 110 -21.77 18.43 -4.54
CA LYS A 110 -21.59 18.30 -6.00
C LYS A 110 -21.88 19.65 -6.66
N ALA A 111 -21.16 19.98 -7.71
CA ALA A 111 -21.46 21.15 -8.57
C ALA A 111 -21.23 20.70 -10.01
N ASN A 112 -22.20 20.91 -10.88
CA ASN A 112 -22.03 20.48 -12.30
C ASN A 112 -21.35 21.61 -13.07
N PRO A 113 -20.59 21.26 -14.15
CA PRO A 113 -19.82 22.26 -14.87
C PRO A 113 -20.56 23.22 -15.79
N THR A 114 -20.07 24.45 -15.88
CA THR A 114 -20.61 25.38 -16.88
C THR A 114 -19.77 25.13 -18.13
N VAL A 115 -20.39 24.93 -19.29
CA VAL A 115 -19.61 24.58 -20.49
C VAL A 115 -19.73 25.69 -21.55
N THR A 116 -18.59 26.22 -22.01
CA THR A 116 -18.52 27.25 -23.08
C THR A 116 -17.65 26.75 -24.23
N LEU A 117 -18.23 26.67 -25.42
CA LEU A 117 -17.52 26.14 -26.62
C LEU A 117 -17.40 27.29 -27.64
N PHE A 118 -16.20 27.54 -28.13
CA PHE A 118 -15.91 28.60 -29.14
C PHE A 118 -15.46 27.93 -30.42
N PRO A 119 -16.05 28.33 -31.57
CA PRO A 119 -15.57 27.87 -32.87
C PRO A 119 -14.25 28.55 -33.23
N PRO A 120 -13.57 28.14 -34.33
CA PRO A 120 -12.35 28.82 -34.77
C PRO A 120 -12.66 30.27 -35.14
N SER A 121 -11.80 31.19 -34.73
CA SER A 121 -11.85 32.60 -35.15
C SER A 121 -11.60 32.68 -36.66
N SER A 122 -12.23 33.65 -37.31
CA SER A 122 -11.96 34.00 -38.73
C SER A 122 -10.46 34.27 -38.89
N GLU A 123 -9.83 34.72 -37.83
CA GLU A 123 -8.41 35.19 -37.82
C GLU A 123 -7.45 33.97 -37.81
N GLU A 124 -7.81 32.91 -37.07
CA GLU A 124 -7.04 31.64 -37.02
C GLU A 124 -7.15 30.96 -38.38
N LEU A 125 -8.36 30.93 -38.94
CA LEU A 125 -8.63 30.37 -40.29
C LEU A 125 -7.75 31.12 -41.30
N GLN A 126 -7.71 32.45 -41.22
CA GLN A 126 -6.81 33.32 -42.03
C GLN A 126 -5.36 32.81 -41.94
N ALA A 127 -4.95 32.30 -40.77
CA ALA A 127 -3.58 31.77 -40.52
C ALA A 127 -3.50 30.29 -40.91
N ASN A 128 -4.54 29.77 -41.57
CA ASN A 128 -4.61 28.38 -42.11
C ASN A 128 -4.62 27.32 -40.98
N LYS A 129 -5.18 27.64 -39.81
CA LYS A 129 -5.38 26.69 -38.69
C LYS A 129 -6.84 26.78 -38.22
N ALA A 130 -7.27 25.85 -37.37
CA ALA A 130 -8.61 25.84 -36.78
C ALA A 130 -8.58 25.10 -35.44
N THR A 131 -8.90 25.81 -34.36
CA THR A 131 -8.97 25.20 -33.00
C THR A 131 -10.36 25.45 -32.45
N LEU A 132 -11.04 24.38 -32.04
CA LEU A 132 -12.25 24.48 -31.20
C LEU A 132 -11.79 24.51 -29.73
N VAL A 133 -12.34 25.45 -28.95
CA VAL A 133 -12.00 25.68 -27.54
C VAL A 133 -13.20 25.38 -26.63
N CYS A 134 -13.07 24.35 -25.80
CA CYS A 134 -14.17 23.92 -24.86
C CYS A 134 -13.71 24.16 -23.41
N LEU A 135 -14.32 25.14 -22.74
CA LEU A 135 -13.93 25.59 -21.39
C LEU A 135 -14.98 25.17 -20.36
N ILE A 136 -14.48 24.59 -19.28
CA ILE A 136 -15.29 23.84 -18.30
C ILE A 136 -15.00 24.45 -16.95
N SER A 137 -16.00 25.01 -16.27
CA SER A 137 -15.78 25.67 -14.95
C SER A 137 -16.82 25.27 -13.90
N ASP A 138 -16.51 25.57 -12.63
CA ASP A 138 -17.43 25.52 -11.48
C ASP A 138 -17.90 24.09 -11.20
N PHE A 139 -17.07 23.07 -11.40
CA PHE A 139 -17.48 21.69 -11.11
C PHE A 139 -16.74 21.20 -9.89
N TYR A 140 -17.42 20.28 -9.19
CA TYR A 140 -16.95 19.59 -7.96
C TYR A 140 -17.70 18.29 -7.88
N PRO A 141 -17.06 17.13 -7.59
CA PRO A 141 -15.62 17.03 -7.45
C PRO A 141 -14.83 17.26 -8.76
N GLY A 142 -13.51 17.33 -8.59
CA GLY A 142 -12.59 17.81 -9.62
C GLY A 142 -12.22 16.72 -10.60
N ALA A 143 -13.18 15.96 -11.15
CA ALA A 143 -12.94 15.07 -12.30
C ALA A 143 -14.06 15.27 -13.36
N VAL A 144 -13.70 15.19 -14.65
CA VAL A 144 -14.63 15.30 -15.82
C VAL A 144 -14.04 14.40 -16.90
N THR A 145 -14.87 13.98 -17.85
CA THR A 145 -14.47 13.33 -19.12
C THR A 145 -15.01 14.19 -20.27
N VAL A 146 -14.22 14.44 -21.29
CA VAL A 146 -14.60 15.23 -22.50
C VAL A 146 -14.57 14.30 -23.72
N ALA A 147 -15.67 14.22 -24.46
CA ALA A 147 -15.73 13.56 -25.79
C ALA A 147 -16.10 14.63 -26.83
N TRP A 148 -15.37 14.62 -27.93
CA TRP A 148 -15.62 15.51 -29.09
C TRP A 148 -16.30 14.69 -30.17
N LYS A 149 -17.31 15.25 -30.83
CA LYS A 149 -17.96 14.55 -31.97
C LYS A 149 -17.84 15.45 -33.20
N ALA A 150 -17.71 14.79 -34.36
CA ALA A 150 -17.87 15.40 -35.70
C ALA A 150 -19.10 14.74 -36.33
N ASP A 151 -20.14 15.54 -36.60
CA ASP A 151 -21.44 15.08 -37.17
C ASP A 151 -21.90 13.82 -36.42
N GLY A 152 -21.76 13.78 -35.09
CA GLY A 152 -22.18 12.63 -34.27
C GLY A 152 -21.12 11.53 -34.12
N SER A 153 -20.12 11.45 -35.02
CA SER A 153 -19.02 10.44 -34.95
C SER A 153 -17.97 10.87 -33.91
N PRO A 154 -17.41 9.94 -33.07
CA PRO A 154 -16.36 10.30 -32.13
C PRO A 154 -15.10 10.74 -32.88
N VAL A 155 -14.51 11.85 -32.42
CA VAL A 155 -13.16 12.37 -32.80
C VAL A 155 -12.16 11.92 -31.73
N LYS A 156 -11.27 10.97 -32.06
CA LYS A 156 -10.29 10.40 -31.10
C LYS A 156 -8.94 11.16 -31.12
N ALA A 157 -8.77 12.17 -31.99
CA ALA A 157 -7.43 12.67 -32.42
C ALA A 157 -7.43 14.19 -32.70
N GLY A 158 -6.32 14.84 -32.34
CA GLY A 158 -6.22 16.31 -32.26
C GLY A 158 -6.90 16.86 -31.00
N VAL A 159 -7.22 15.98 -30.04
CA VAL A 159 -7.83 16.33 -28.72
C VAL A 159 -6.71 16.53 -27.69
N GLU A 160 -6.68 17.71 -27.06
CA GLU A 160 -5.76 17.99 -25.93
C GLU A 160 -6.66 18.54 -24.80
N THR A 161 -6.65 17.92 -23.62
CA THR A 161 -7.53 18.26 -22.49
C THR A 161 -6.64 18.39 -21.26
N THR A 162 -6.78 19.49 -20.53
CA THR A 162 -6.06 19.73 -19.25
C THR A 162 -6.60 18.80 -18.17
N LYS A 163 -5.75 18.45 -17.20
CA LYS A 163 -6.21 17.95 -15.89
C LYS A 163 -7.08 19.03 -15.27
N PRO A 164 -8.06 18.67 -14.44
CA PRO A 164 -8.77 19.66 -13.64
C PRO A 164 -7.85 20.42 -12.68
N SER A 165 -8.10 21.71 -12.43
CA SER A 165 -7.31 22.55 -11.49
C SER A 165 -8.25 23.40 -10.63
N LYS A 166 -7.89 23.64 -9.36
CA LYS A 166 -8.79 24.30 -8.40
C LYS A 166 -8.94 25.77 -8.76
N GLN A 167 -10.16 26.29 -8.69
CA GLN A 167 -10.45 27.74 -8.81
C GLN A 167 -10.27 28.38 -7.42
N SER A 168 -10.22 29.70 -7.34
CA SER A 168 -10.13 30.41 -6.03
C SER A 168 -11.40 30.15 -5.21
N ASN A 169 -12.52 29.73 -5.82
CA ASN A 169 -13.78 29.45 -5.06
C ASN A 169 -13.91 27.96 -4.70
N ASN A 170 -12.87 27.13 -4.87
CA ASN A 170 -12.85 25.72 -4.35
C ASN A 170 -13.66 24.75 -5.25
N LYS A 171 -14.12 25.20 -6.43
CA LYS A 171 -14.58 24.31 -7.53
C LYS A 171 -13.43 24.18 -8.53
N TYR A 172 -13.64 23.47 -9.64
CA TYR A 172 -12.56 23.10 -10.59
C TYR A 172 -12.89 23.62 -11.99
N ALA A 173 -11.82 23.80 -12.76
CA ALA A 173 -11.89 24.22 -14.17
C ALA A 173 -11.05 23.22 -14.97
N ALA A 174 -11.28 23.14 -16.26
CA ALA A 174 -10.48 22.39 -17.26
C ALA A 174 -10.78 22.99 -18.63
N SER A 175 -9.96 22.61 -19.61
CA SER A 175 -9.99 23.09 -21.01
C SER A 175 -9.84 21.89 -21.91
N SER A 176 -10.58 21.79 -23.00
CA SER A 176 -10.28 20.84 -24.10
C SER A 176 -10.14 21.61 -25.39
N TYR A 177 -9.08 21.29 -26.13
CA TYR A 177 -8.77 21.89 -27.45
C TYR A 177 -8.82 20.79 -28.50
N LEU A 178 -9.53 21.07 -29.59
CA LEU A 178 -9.51 20.17 -30.77
C LEU A 178 -8.86 20.91 -31.93
N SER A 179 -7.74 20.36 -32.41
CA SER A 179 -6.99 20.87 -33.59
C SER A 179 -7.52 20.19 -34.86
N LEU A 180 -7.96 21.00 -35.82
CA LEU A 180 -8.53 20.58 -37.14
C LEU A 180 -7.76 21.34 -38.22
N THR A 181 -7.76 20.84 -39.46
CA THR A 181 -7.49 21.68 -40.67
C THR A 181 -8.74 22.54 -40.90
N PRO A 182 -8.59 23.74 -41.53
CA PRO A 182 -9.74 24.51 -41.98
C PRO A 182 -10.66 23.72 -42.92
N GLU A 183 -10.09 22.81 -43.73
CA GLU A 183 -10.86 21.93 -44.66
C GLU A 183 -11.75 20.98 -43.84
N GLN A 184 -11.24 20.43 -42.73
CA GLN A 184 -12.06 19.55 -41.85
C GLN A 184 -13.16 20.38 -41.18
N TRP A 185 -12.85 21.62 -40.76
CA TRP A 185 -13.82 22.53 -40.09
C TRP A 185 -14.98 22.81 -41.05
N LYS A 186 -14.71 23.27 -42.29
CA LYS A 186 -15.80 23.67 -43.22
C LYS A 186 -16.51 22.46 -43.85
N SER A 187 -15.89 21.29 -43.85
CA SER A 187 -16.42 20.08 -44.55
C SER A 187 -17.35 19.26 -43.64
N HIS A 188 -17.53 19.64 -42.37
CA HIS A 188 -18.41 18.95 -41.39
C HIS A 188 -19.58 19.87 -41.03
N ARG A 189 -20.78 19.31 -40.88
CA ARG A 189 -22.03 20.07 -40.58
C ARG A 189 -21.96 20.64 -39.17
N SER A 190 -21.25 19.97 -38.26
CA SER A 190 -21.15 20.40 -36.84
C SER A 190 -20.05 19.65 -36.11
N TYR A 191 -19.63 20.23 -34.98
CA TYR A 191 -18.74 19.60 -33.98
C TYR A 191 -19.35 19.84 -32.60
N SER A 192 -19.23 18.86 -31.71
CA SER A 192 -19.79 19.02 -30.37
C SER A 192 -18.71 18.73 -29.34
N CYS A 193 -18.70 19.55 -28.29
CA CYS A 193 -17.96 19.31 -27.04
C CYS A 193 -18.91 18.77 -25.98
N GLN A 194 -18.66 17.57 -25.49
CA GLN A 194 -19.58 16.83 -24.56
C GLN A 194 -18.82 16.51 -23.29
N VAL A 195 -19.21 17.17 -22.20
CA VAL A 195 -18.51 17.00 -20.89
C VAL A 195 -19.39 16.20 -19.94
N THR A 196 -18.87 15.07 -19.46
CA THR A 196 -19.63 14.26 -18.49
C THR A 196 -19.02 14.41 -17.09
N HIS A 197 -19.85 14.77 -16.11
CA HIS A 197 -19.39 14.89 -14.71
C HIS A 197 -20.37 14.15 -13.80
N GLU A 198 -19.91 13.11 -13.11
CA GLU A 198 -20.75 12.30 -12.20
C GLU A 198 -22.03 11.89 -12.94
N GLY A 199 -21.91 11.29 -14.12
CA GLY A 199 -23.09 10.79 -14.88
C GLY A 199 -23.97 11.86 -15.50
N SER A 200 -23.61 13.14 -15.39
CA SER A 200 -24.39 14.20 -16.05
C SER A 200 -23.60 14.77 -17.23
N THR A 201 -24.19 14.76 -18.42
CA THR A 201 -23.49 15.24 -19.63
C THR A 201 -24.02 16.61 -20.07
N VAL A 202 -23.12 17.57 -20.26
CA VAL A 202 -23.53 18.89 -20.80
C VAL A 202 -22.93 18.92 -22.21
N GLU A 203 -23.78 19.15 -23.19
CA GLU A 203 -23.32 19.06 -24.59
C GLU A 203 -23.45 20.43 -25.23
N LYS A 204 -22.38 20.86 -25.89
CA LYS A 204 -22.40 22.15 -26.61
C LYS A 204 -21.96 21.83 -28.04
N THR A 205 -22.63 22.42 -29.02
CA THR A 205 -22.34 22.11 -30.44
C THR A 205 -22.08 23.40 -31.21
N VAL A 206 -21.16 23.36 -32.18
CA VAL A 206 -20.93 24.55 -33.04
C VAL A 206 -20.90 24.07 -34.49
N ALA A 207 -21.27 24.95 -35.43
CA ALA A 207 -21.21 24.59 -36.86
C ALA A 207 -20.49 25.72 -37.63
N PRO A 208 -19.79 25.44 -38.74
CA PRO A 208 -19.19 26.53 -39.49
C PRO A 208 -20.35 27.43 -39.93
N THR A 209 -20.29 28.70 -39.58
CA THR A 209 -21.37 29.66 -39.91
C THR A 209 -20.97 31.05 -39.42
N ASP B 1 4.49 -66.35 -18.46
CA ASP B 1 5.93 -66.65 -18.28
C ASP B 1 6.38 -66.19 -16.89
N GLN B 2 7.66 -66.39 -16.61
CA GLN B 2 8.24 -65.94 -15.32
C GLN B 2 8.10 -64.43 -15.18
N VAL B 3 7.70 -63.95 -14.02
CA VAL B 3 7.52 -62.49 -13.78
C VAL B 3 8.46 -62.03 -12.67
N ASP B 4 8.77 -60.74 -12.64
CA ASP B 4 9.73 -60.19 -11.66
C ASP B 4 9.01 -59.76 -10.38
N VAL B 5 9.46 -60.27 -9.25
CA VAL B 5 8.87 -59.91 -7.94
C VAL B 5 10.00 -59.56 -6.97
N LYS B 6 9.71 -58.72 -5.99
CA LYS B 6 10.71 -58.38 -4.97
C LYS B 6 10.55 -59.33 -3.78
N ASP B 7 11.64 -59.99 -3.40
CA ASP B 7 11.61 -60.88 -2.21
C ASP B 7 11.56 -60.02 -0.95
N CYS B 8 10.66 -60.38 -0.01
CA CYS B 8 10.55 -59.67 1.29
C CYS B 8 10.86 -60.64 2.44
N ALA B 9 11.60 -61.72 2.17
CA ALA B 9 12.02 -62.66 3.24
C ALA B 9 13.48 -63.10 3.06
N ASN B 10 13.71 -64.37 2.75
CA ASN B 10 15.09 -64.91 2.58
C ASN B 10 15.19 -65.72 1.29
N HIS B 11 14.63 -65.22 0.19
CA HIS B 11 14.76 -65.87 -1.14
C HIS B 11 14.27 -67.32 -1.17
N GLU B 12 13.16 -67.61 -0.48
CA GLU B 12 12.57 -68.97 -0.53
C GLU B 12 11.87 -69.16 -1.87
N ILE B 13 11.24 -68.09 -2.39
CA ILE B 13 10.56 -68.15 -3.71
C ILE B 13 11.60 -68.29 -4.82
N LYS B 14 11.51 -69.36 -5.62
CA LYS B 14 12.50 -69.63 -6.69
C LYS B 14 11.99 -68.99 -7.98
N LYS B 15 10.69 -69.14 -8.26
CA LYS B 15 10.08 -68.55 -9.48
C LYS B 15 8.61 -68.19 -9.25
N VAL B 16 8.13 -67.15 -9.93
CA VAL B 16 6.68 -66.83 -9.93
C VAL B 16 6.32 -66.79 -11.41
N LEU B 17 5.29 -67.52 -11.83
CA LEU B 17 4.89 -67.60 -13.27
C LEU B 17 3.48 -67.09 -13.45
N VAL B 18 3.27 -66.22 -14.42
CA VAL B 18 1.90 -65.74 -14.75
C VAL B 18 1.74 -65.89 -16.26
N PRO B 19 0.86 -66.79 -16.74
CA PRO B 19 0.60 -66.89 -18.17
C PRO B 19 0.11 -65.55 -18.71
N GLY B 20 0.65 -65.13 -19.85
CA GLY B 20 0.26 -63.84 -20.45
C GLY B 20 1.10 -62.66 -19.94
N CYS B 21 2.02 -62.91 -19.01
CA CYS B 21 2.85 -61.84 -18.41
C CYS B 21 4.31 -62.27 -18.48
N HIS B 22 5.24 -61.31 -18.41
CA HIS B 22 6.67 -61.65 -18.59
C HIS B 22 7.62 -60.66 -17.91
N GLY B 23 8.58 -61.15 -17.12
CA GLY B 23 9.63 -60.31 -16.54
C GLY B 23 9.04 -59.14 -15.77
N SER B 24 9.48 -57.91 -16.08
CA SER B 24 8.99 -56.72 -15.36
C SER B 24 8.16 -55.83 -16.29
N GLU B 25 7.71 -56.35 -17.44
CA GLU B 25 6.68 -55.70 -18.30
C GLU B 25 5.40 -55.51 -17.47
N PRO B 26 4.56 -54.49 -17.74
CA PRO B 26 3.30 -54.38 -17.02
C PRO B 26 2.52 -55.69 -17.16
N CYS B 27 1.98 -56.22 -16.06
CA CYS B 27 1.16 -57.45 -16.09
C CYS B 27 -0.30 -57.04 -16.08
N ILE B 28 -1.02 -57.30 -17.16
CA ILE B 28 -2.41 -56.79 -17.25
C ILE B 28 -3.40 -57.79 -16.65
N ILE B 29 -4.09 -57.36 -15.61
CA ILE B 29 -5.13 -58.19 -14.97
C ILE B 29 -6.45 -57.72 -15.57
N HIS B 30 -7.08 -58.57 -16.36
CA HIS B 30 -8.31 -58.17 -17.07
C HIS B 30 -9.54 -58.43 -16.20
N ARG B 31 -10.41 -57.44 -16.08
CA ARG B 31 -11.63 -57.56 -15.25
C ARG B 31 -12.54 -58.66 -15.79
N GLY B 32 -13.19 -59.42 -14.90
CA GLY B 32 -14.14 -60.48 -15.30
C GLY B 32 -13.46 -61.67 -15.94
N LYS B 33 -12.13 -61.75 -15.84
CA LYS B 33 -11.39 -62.85 -16.48
C LYS B 33 -10.58 -63.61 -15.44
N PRO B 34 -10.35 -64.92 -15.61
CA PRO B 34 -9.50 -65.66 -14.69
C PRO B 34 -8.02 -65.28 -14.76
N PHE B 35 -7.34 -65.22 -13.62
CA PHE B 35 -5.91 -64.85 -13.54
C PHE B 35 -5.13 -66.01 -12.94
N GLN B 36 -4.24 -66.61 -13.73
CA GLN B 36 -3.47 -67.80 -13.28
C GLN B 36 -2.11 -67.40 -12.71
N LEU B 37 -1.77 -67.95 -11.55
CA LEU B 37 -0.49 -67.66 -10.88
C LEU B 37 0.15 -68.99 -10.47
N GLU B 38 1.45 -69.15 -10.70
CA GLU B 38 2.17 -70.36 -10.24
C GLU B 38 3.42 -69.90 -9.49
N ALA B 39 3.67 -70.47 -8.30
CA ALA B 39 4.88 -70.12 -7.54
C ALA B 39 5.64 -71.38 -7.13
N LEU B 40 6.95 -71.36 -7.28
CA LEU B 40 7.79 -72.48 -6.80
C LEU B 40 8.62 -71.93 -5.65
N PHE B 41 8.64 -72.63 -4.51
CA PHE B 41 9.41 -72.17 -3.34
C PHE B 41 10.06 -73.34 -2.60
N GLU B 42 11.13 -73.05 -1.85
CA GLU B 42 11.81 -74.08 -1.03
C GLU B 42 11.43 -73.85 0.42
N ALA B 43 11.04 -74.92 1.11
CA ALA B 43 10.67 -74.81 2.53
C ALA B 43 11.89 -74.43 3.38
N ASN B 44 11.74 -73.44 4.26
CA ASN B 44 12.84 -72.97 5.15
C ASN B 44 12.65 -73.60 6.53
N GLN B 45 11.61 -74.42 6.68
CA GLN B 45 11.28 -75.04 7.99
C GLN B 45 10.34 -76.23 7.78
N ASN B 46 10.20 -77.07 8.81
CA ASN B 46 9.20 -78.15 8.74
C ASN B 46 7.93 -77.52 9.32
N SER B 47 6.86 -77.47 8.54
CA SER B 47 5.64 -76.81 9.02
C SER B 47 4.40 -77.65 8.75
N LYS B 48 3.57 -77.83 9.77
CA LYS B 48 2.27 -78.48 9.58
C LYS B 48 1.35 -77.47 8.89
N THR B 49 1.63 -76.17 9.05
CA THR B 49 0.71 -75.13 8.56
C THR B 49 1.31 -74.20 7.49
N ALA B 50 0.47 -73.66 6.60
CA ALA B 50 0.93 -72.63 5.64
C ALA B 50 -0.21 -71.65 5.40
N LYS B 51 -0.23 -70.54 6.15
CA LYS B 51 -1.31 -69.53 6.06
C LYS B 51 -0.89 -68.38 5.14
N ILE B 52 -1.68 -68.13 4.10
CA ILE B 52 -1.31 -67.09 3.11
C ILE B 52 -2.02 -65.79 3.46
N GLU B 53 -1.23 -64.74 3.60
CA GLU B 53 -1.80 -63.39 3.84
C GLU B 53 -1.52 -62.59 2.57
N ILE B 54 -2.58 -62.08 1.95
CA ILE B 54 -2.40 -61.24 0.74
C ILE B 54 -2.80 -59.81 1.08
N LYS B 55 -1.86 -58.88 0.95
CA LYS B 55 -2.18 -57.45 1.11
C LYS B 55 -2.11 -56.82 -0.28
N ALA B 56 -3.11 -56.01 -0.63
CA ALA B 56 -3.14 -55.38 -1.97
C ALA B 56 -3.46 -53.88 -1.86
N SER B 57 -2.86 -53.09 -2.74
CA SER B 57 -3.12 -51.62 -2.74
C SER B 57 -3.46 -51.13 -4.15
N ILE B 58 -4.47 -50.29 -4.25
CA ILE B 58 -4.83 -49.64 -5.53
C ILE B 58 -4.60 -48.15 -5.28
N ASP B 59 -3.77 -47.52 -6.11
CA ASP B 59 -3.54 -46.05 -5.99
C ASP B 59 -3.02 -45.68 -4.60
N GLY B 60 -2.16 -46.50 -4.00
CA GLY B 60 -1.62 -46.27 -2.65
C GLY B 60 -2.61 -46.50 -1.52
N LEU B 61 -3.74 -47.15 -1.80
CA LEU B 61 -4.79 -47.39 -0.78
C LEU B 61 -5.14 -48.88 -0.68
N GLU B 62 -5.19 -49.43 0.53
CA GLU B 62 -5.42 -50.89 0.75
C GLU B 62 -6.81 -51.30 0.27
N VAL B 63 -6.88 -52.39 -0.49
CA VAL B 63 -8.19 -52.94 -0.94
C VAL B 63 -8.31 -54.37 -0.44
N ASP B 64 -9.55 -54.81 -0.20
CA ASP B 64 -9.79 -56.21 0.20
C ASP B 64 -9.59 -57.10 -1.02
N VAL B 65 -8.87 -58.20 -0.86
CA VAL B 65 -8.74 -59.17 -1.98
C VAL B 65 -9.69 -60.35 -1.72
N PRO B 66 -10.78 -60.47 -2.49
CA PRO B 66 -11.75 -61.55 -2.30
C PRO B 66 -11.40 -62.87 -3.00
N GLY B 67 -12.03 -63.98 -2.60
CA GLY B 67 -11.84 -65.24 -3.32
C GLY B 67 -10.53 -65.94 -3.00
N ILE B 68 -9.95 -65.61 -1.86
CA ILE B 68 -8.61 -66.16 -1.52
C ILE B 68 -8.75 -67.18 -0.40
N ASP B 69 -8.31 -68.40 -0.65
CA ASP B 69 -8.28 -69.42 0.42
C ASP B 69 -7.03 -69.16 1.25
N PRO B 70 -7.17 -68.82 2.54
CA PRO B 70 -6.03 -68.59 3.43
C PRO B 70 -5.13 -69.80 3.68
N ASN B 71 -5.65 -71.02 3.50
CA ASN B 71 -4.86 -72.22 3.80
C ASN B 71 -4.17 -72.71 2.53
N ALA B 72 -2.86 -72.53 2.44
CA ALA B 72 -2.08 -72.96 1.26
C ALA B 72 -1.81 -74.45 1.31
N CYS B 73 -2.02 -75.09 2.46
CA CYS B 73 -1.88 -76.56 2.60
C CYS B 73 -2.96 -77.24 1.77
N HIS B 74 -4.04 -76.55 1.44
CA HIS B 74 -5.08 -77.09 0.53
C HIS B 74 -4.51 -77.26 -0.89
N TYR B 75 -3.43 -76.58 -1.22
CA TYR B 75 -2.90 -76.60 -2.62
C TYR B 75 -1.50 -77.21 -2.67
N MET B 76 -1.05 -77.79 -1.57
CA MET B 76 0.26 -78.49 -1.55
C MET B 76 0.28 -79.56 -0.46
N LYS B 77 1.29 -80.43 -0.47
CA LYS B 77 1.31 -81.56 0.49
C LYS B 77 1.99 -81.14 1.78
N CYS B 78 1.21 -80.87 2.81
CA CYS B 78 1.74 -80.51 4.15
C CYS B 78 1.61 -81.74 5.07
N PRO B 79 2.53 -82.02 6.01
CA PRO B 79 3.52 -81.07 6.47
C PRO B 79 4.68 -80.79 5.49
N LEU B 80 5.11 -79.53 5.44
CA LEU B 80 6.26 -79.15 4.58
C LEU B 80 7.55 -79.70 5.18
N VAL B 81 8.47 -80.15 4.34
CA VAL B 81 9.79 -80.64 4.82
C VAL B 81 10.87 -79.62 4.40
N LYS B 82 11.70 -79.18 5.36
CA LYS B 82 12.70 -78.12 5.07
C LYS B 82 13.64 -78.57 3.97
N GLY B 83 13.86 -77.70 2.98
CA GLY B 83 14.80 -77.99 1.89
C GLY B 83 14.12 -78.61 0.70
N GLN B 84 12.86 -79.01 0.84
CA GLN B 84 12.10 -79.57 -0.30
C GLN B 84 11.43 -78.44 -1.09
N GLN B 85 11.13 -78.68 -2.36
CA GLN B 85 10.54 -77.64 -3.24
C GLN B 85 9.05 -77.89 -3.48
N TYR B 86 8.25 -76.85 -3.36
CA TYR B 86 6.79 -76.97 -3.52
C TYR B 86 6.29 -76.03 -4.62
N ASP B 87 5.46 -76.54 -5.52
CA ASP B 87 4.85 -75.73 -6.60
C ASP B 87 3.37 -75.53 -6.30
N ILE B 88 2.92 -74.28 -6.19
CA ILE B 88 1.47 -74.01 -5.97
C ILE B 88 0.90 -73.30 -7.20
N LYS B 89 -0.26 -73.76 -7.68
CA LYS B 89 -0.96 -73.09 -8.78
C LYS B 89 -2.33 -72.65 -8.26
N TYR B 90 -2.72 -71.42 -8.52
CA TYR B 90 -4.07 -70.95 -8.12
C TYR B 90 -4.63 -70.09 -9.25
N THR B 91 -5.92 -70.21 -9.51
CA THR B 91 -6.57 -69.32 -10.51
C THR B 91 -7.41 -68.34 -9.72
N TRP B 92 -7.05 -67.05 -9.77
CA TRP B 92 -7.87 -66.01 -9.09
C TRP B 92 -8.94 -65.48 -10.05
N ASN B 93 -10.14 -65.28 -9.56
CA ASN B 93 -11.24 -64.78 -10.41
C ASN B 93 -11.25 -63.26 -10.29
N VAL B 94 -10.93 -62.58 -11.38
CA VAL B 94 -10.86 -61.10 -11.33
C VAL B 94 -12.29 -60.58 -11.43
N PRO B 95 -12.76 -59.84 -10.42
CA PRO B 95 -14.09 -59.29 -10.47
C PRO B 95 -14.29 -58.36 -11.69
N LYS B 96 -15.47 -58.42 -12.29
CA LYS B 96 -15.84 -57.58 -13.46
C LYS B 96 -15.82 -56.10 -13.07
N ILE B 97 -16.11 -55.80 -11.81
CA ILE B 97 -16.19 -54.39 -11.30
C ILE B 97 -14.90 -54.04 -10.53
N ALA B 98 -13.84 -54.81 -10.71
CA ALA B 98 -12.57 -54.53 -10.01
C ALA B 98 -12.09 -53.13 -10.37
N PRO B 99 -11.59 -52.34 -9.40
CA PRO B 99 -11.20 -50.96 -9.66
C PRO B 99 -10.03 -50.88 -10.65
N LYS B 100 -10.23 -50.12 -11.73
CA LYS B 100 -9.16 -49.93 -12.74
C LYS B 100 -8.05 -49.06 -12.12
N SER B 101 -6.80 -49.53 -12.22
CA SER B 101 -5.66 -48.81 -11.60
C SER B 101 -4.35 -49.11 -12.34
N GLU B 102 -3.51 -48.09 -12.49
CA GLU B 102 -2.16 -48.28 -13.09
C GLU B 102 -1.15 -48.36 -11.94
N ASN B 103 -1.61 -48.30 -10.70
CA ASN B 103 -0.72 -48.35 -9.51
C ASN B 103 -1.21 -49.47 -8.58
N VAL B 104 -0.77 -50.70 -8.83
CA VAL B 104 -1.17 -51.90 -8.06
C VAL B 104 0.06 -52.49 -7.40
N VAL B 105 -0.07 -52.75 -6.11
CA VAL B 105 0.96 -53.45 -5.31
C VAL B 105 0.28 -54.66 -4.65
N VAL B 106 0.87 -55.83 -4.82
CA VAL B 106 0.35 -57.08 -4.19
C VAL B 106 1.48 -57.69 -3.36
N THR B 107 1.26 -57.82 -2.05
CA THR B 107 2.25 -58.47 -1.16
C THR B 107 1.67 -59.81 -0.71
N VAL B 108 2.39 -60.91 -0.98
CA VAL B 108 1.92 -62.26 -0.56
C VAL B 108 2.88 -62.79 0.51
N LYS B 109 2.37 -63.03 1.72
CA LYS B 109 3.20 -63.55 2.82
C LYS B 109 2.63 -64.90 3.27
N VAL B 110 3.43 -65.97 3.22
CA VAL B 110 3.02 -67.32 3.69
C VAL B 110 3.72 -67.58 5.02
N MET B 111 2.95 -67.75 6.09
CA MET B 111 3.42 -67.96 7.48
C MET B 111 3.34 -69.45 7.86
N GLY B 112 4.38 -69.97 8.49
CA GLY B 112 4.47 -71.39 8.92
C GLY B 112 4.44 -71.47 10.43
N ASP B 113 4.67 -72.65 10.96
CA ASP B 113 4.73 -72.93 12.41
C ASP B 113 5.76 -71.99 13.07
N ASN B 114 6.87 -71.71 12.39
CA ASN B 114 8.06 -70.96 12.91
C ASN B 114 8.29 -69.69 12.09
N GLY B 115 7.24 -68.86 11.96
CA GLY B 115 7.26 -67.58 11.25
C GLY B 115 7.21 -67.76 9.74
N VAL B 116 7.77 -66.79 9.04
CA VAL B 116 7.56 -66.60 7.59
C VAL B 116 8.20 -67.76 6.82
N LEU B 117 7.39 -68.31 5.93
CA LEU B 117 7.82 -69.31 4.94
C LEU B 117 8.28 -68.56 3.70
N ALA B 118 7.55 -67.55 3.30
CA ALA B 118 7.80 -66.90 1.99
C ALA B 118 7.19 -65.53 1.95
N CYS B 119 7.77 -64.64 1.14
CA CYS B 119 7.22 -63.27 1.05
C CYS B 119 7.64 -62.66 -0.28
N ALA B 120 6.69 -62.13 -1.07
CA ALA B 120 7.05 -61.42 -2.30
C ALA B 120 6.08 -60.28 -2.56
N ILE B 121 6.57 -59.20 -3.19
CA ILE B 121 5.85 -57.98 -3.56
C ILE B 121 5.90 -57.85 -5.10
N ALA B 122 4.73 -57.70 -5.70
CA ALA B 122 4.61 -57.47 -7.14
C ALA B 122 4.10 -56.03 -7.32
N THR B 123 4.76 -55.23 -8.14
CA THR B 123 4.38 -53.82 -8.36
C THR B 123 3.98 -53.56 -9.82
N HIS B 124 4.06 -54.54 -10.72
CA HIS B 124 3.80 -54.28 -12.18
C HIS B 124 2.39 -54.65 -12.63
N ALA B 125 1.49 -55.13 -11.77
CA ALA B 125 0.12 -55.44 -12.21
C ALA B 125 -0.60 -54.12 -12.56
N LYS B 126 -1.45 -54.15 -13.57
CA LYS B 126 -2.39 -53.08 -13.90
C LYS B 126 -3.77 -53.74 -13.97
N ILE B 127 -4.78 -53.14 -13.36
CA ILE B 127 -6.16 -53.67 -13.55
C ILE B 127 -6.83 -52.89 -14.68
N ARG B 128 -7.19 -53.58 -15.77
CA ARG B 128 -7.75 -52.92 -16.98
C ARG B 128 -8.95 -53.74 -17.51
N ASP B 129 -9.64 -53.24 -18.53
CA ASP B 129 -10.63 -54.06 -19.26
C ASP B 129 -9.90 -55.33 -19.75
N GLN C 1 3.71 49.57 0.45
CA GLN C 1 3.74 48.16 0.93
C GLN C 1 5.11 47.55 0.64
N VAL C 2 5.59 46.65 1.48
CA VAL C 2 6.87 45.96 1.16
C VAL C 2 6.56 45.01 0.01
N GLN C 3 7.29 45.16 -1.08
CA GLN C 3 7.08 44.31 -2.26
C GLN C 3 8.43 43.81 -2.72
N LEU C 4 8.53 42.53 -3.06
CA LEU C 4 9.79 42.03 -3.63
C LEU C 4 9.48 41.79 -5.12
N VAL C 5 10.22 42.43 -5.99
CA VAL C 5 10.03 42.26 -7.46
C VAL C 5 11.18 41.41 -7.98
N GLN C 6 10.86 40.35 -8.72
CA GLN C 6 11.88 39.42 -9.25
C GLN C 6 11.99 39.59 -10.76
N SER C 7 13.12 39.14 -11.33
CA SER C 7 13.34 39.10 -12.79
C SER C 7 12.29 38.17 -13.43
N GLY C 8 11.99 38.41 -14.70
CA GLY C 8 10.94 37.71 -15.45
C GLY C 8 11.41 36.32 -15.79
N ALA C 9 10.47 35.46 -16.14
CA ALA C 9 10.74 34.04 -16.45
C ALA C 9 11.66 33.96 -17.66
N GLU C 10 12.44 32.91 -17.83
CA GLU C 10 13.28 32.79 -19.05
C GLU C 10 13.63 31.34 -19.34
N VAL C 11 14.14 31.13 -20.56
CA VAL C 11 14.67 29.82 -21.05
C VAL C 11 16.17 29.89 -20.92
N LYS C 12 16.78 28.88 -20.32
CA LYS C 12 18.26 28.79 -20.18
C LYS C 12 18.69 27.45 -20.76
N LYS C 13 19.79 27.52 -21.49
CA LYS C 13 20.31 26.30 -22.11
C LYS C 13 20.97 25.42 -21.04
N PRO C 14 20.92 24.09 -21.15
CA PRO C 14 21.68 23.22 -20.26
C PRO C 14 23.16 23.65 -20.23
N GLY C 15 23.78 23.65 -19.06
CA GLY C 15 25.19 24.01 -18.90
C GLY C 15 25.42 25.51 -18.78
N SER C 16 24.43 26.37 -19.10
CA SER C 16 24.51 27.83 -18.86
C SER C 16 24.21 28.11 -17.38
N SER C 17 24.27 29.38 -17.00
CA SER C 17 23.97 29.83 -15.62
C SER C 17 22.91 30.95 -15.68
N VAL C 18 22.14 31.11 -14.62
CA VAL C 18 21.01 32.09 -14.56
C VAL C 18 21.26 32.95 -13.32
N LYS C 19 21.06 34.26 -13.42
CA LYS C 19 21.13 35.18 -12.27
C LYS C 19 19.74 35.77 -12.09
N VAL C 20 19.04 35.40 -11.00
CA VAL C 20 17.69 35.93 -10.64
C VAL C 20 17.89 37.06 -9.64
N SER C 21 17.16 38.14 -9.85
CA SER C 21 17.23 39.35 -9.00
C SER C 21 15.93 39.44 -8.20
N CYS C 22 16.00 40.07 -7.04
CA CYS C 22 14.91 40.29 -6.09
C CYS C 22 15.07 41.70 -5.53
N LYS C 23 14.21 42.63 -5.96
CA LYS C 23 14.35 44.06 -5.57
C LYS C 23 13.25 44.42 -4.58
N ALA C 24 13.65 44.97 -3.45
CA ALA C 24 12.70 45.42 -2.43
C ALA C 24 12.25 46.85 -2.71
N SER C 25 10.98 47.13 -2.46
CA SER C 25 10.44 48.50 -2.61
C SER C 25 9.51 48.68 -1.41
N GLY C 26 9.34 49.91 -0.95
CA GLY C 26 8.46 50.18 0.19
C GLY C 26 9.12 49.74 1.48
N GLY C 27 10.43 49.48 1.44
CA GLY C 27 11.17 49.06 2.64
C GLY C 27 12.52 48.49 2.27
N THR C 28 13.21 47.88 3.23
CA THR C 28 14.56 47.30 2.96
C THR C 28 14.74 45.95 3.64
N PHE C 29 15.80 45.23 3.27
CA PHE C 29 16.13 43.91 3.87
C PHE C 29 16.77 44.08 5.26
N ASN C 30 17.08 45.33 5.66
CA ASN C 30 17.65 45.58 7.00
C ASN C 30 16.62 45.12 8.03
N THR C 31 17.03 44.34 9.04
CA THR C 31 16.12 43.74 10.07
C THR C 31 15.51 42.43 9.55
N TYR C 32 15.96 41.97 8.39
CA TYR C 32 15.37 40.74 7.79
C TYR C 32 16.45 39.81 7.22
N SER C 33 16.16 38.51 7.21
CA SER C 33 17.04 37.55 6.51
C SER C 33 16.41 37.39 5.12
N LEU C 34 17.19 37.05 4.10
CA LEU C 34 16.67 36.90 2.72
C LEU C 34 17.00 35.47 2.30
N SER C 35 16.01 34.71 1.80
CA SER C 35 16.26 33.32 1.38
C SER C 35 15.77 33.08 -0.04
N TRP C 36 16.43 32.18 -0.75
CA TRP C 36 15.98 31.78 -2.10
C TRP C 36 15.44 30.36 -2.02
N VAL C 37 14.20 30.14 -2.47
CA VAL C 37 13.51 28.83 -2.37
C VAL C 37 13.00 28.46 -3.76
N ARG C 38 13.22 27.21 -4.17
CA ARG C 38 12.79 26.77 -5.52
C ARG C 38 11.68 25.74 -5.42
N GLN C 39 10.74 25.78 -6.37
CA GLN C 39 9.71 24.72 -6.43
C GLN C 39 9.60 24.19 -7.86
N ALA C 40 10.07 22.97 -8.07
CA ALA C 40 9.93 22.32 -9.39
C ALA C 40 8.44 22.00 -9.58
N PRO C 41 7.91 21.92 -10.81
CA PRO C 41 6.48 21.71 -11.00
C PRO C 41 6.03 20.40 -10.35
N GLY C 42 4.98 20.46 -9.52
CA GLY C 42 4.45 19.25 -8.86
C GLY C 42 5.29 18.82 -7.67
N GLN C 43 6.33 19.57 -7.33
CA GLN C 43 7.25 19.14 -6.24
C GLN C 43 7.14 20.09 -5.04
N GLY C 44 7.83 19.75 -3.95
CA GLY C 44 7.80 20.57 -2.73
C GLY C 44 8.77 21.74 -2.73
N LEU C 45 8.69 22.61 -1.72
CA LEU C 45 9.61 23.76 -1.58
C LEU C 45 11.02 23.30 -1.18
N GLU C 46 12.03 23.85 -1.82
CA GLU C 46 13.45 23.51 -1.51
C GLU C 46 14.24 24.78 -1.20
N TRP C 47 14.89 24.83 -0.05
CA TRP C 47 15.73 25.99 0.35
C TRP C 47 17.08 25.90 -0.36
N MET C 48 17.36 26.86 -1.22
CA MET C 48 18.67 26.91 -1.93
C MET C 48 19.72 27.53 -1.02
N GLY C 49 19.30 28.58 -0.35
CA GLY C 49 20.23 29.31 0.51
C GLY C 49 19.64 30.62 1.00
N GLY C 50 20.39 31.35 1.80
CA GLY C 50 19.93 32.61 2.38
C GLY C 50 21.09 33.50 2.83
N ILE C 51 20.80 34.75 3.18
CA ILE C 51 21.86 35.70 3.59
C ILE C 51 21.27 36.78 4.51
N ILE C 52 22.10 37.36 5.37
CA ILE C 52 21.65 38.55 6.14
C ILE C 52 22.34 39.68 5.36
N PRO C 53 21.63 40.47 4.55
CA PRO C 53 22.30 41.44 3.67
C PRO C 53 23.15 42.49 4.39
N ASN C 54 24.40 42.70 3.92
CA ASN C 54 25.33 43.72 4.48
C ASN C 54 26.01 43.23 5.77
N PHE C 55 25.64 42.05 6.25
CA PHE C 55 26.21 41.53 7.53
C PHE C 55 26.89 40.18 7.31
N GLY C 56 26.65 39.57 6.15
CA GLY C 56 27.17 38.22 5.93
C GLY C 56 27.19 37.81 4.48
N ARG C 57 27.87 36.70 4.20
CA ARG C 57 27.89 36.12 2.84
C ARG C 57 26.79 35.06 2.70
N GLY C 58 26.61 34.55 1.49
CA GLY C 58 25.58 33.53 1.23
C GLY C 58 25.78 32.26 2.02
N ASN C 59 24.69 31.66 2.49
CA ASN C 59 24.72 30.39 3.22
C ASN C 59 24.04 29.39 2.28
N TYR C 60 24.56 28.18 2.14
CA TYR C 60 23.97 27.30 1.11
C TYR C 60 23.68 25.86 1.54
N ALA C 61 22.56 25.31 1.07
CA ALA C 61 22.26 23.87 1.22
C ALA C 61 23.38 23.09 0.53
N GLN C 62 23.94 22.08 1.18
CA GLN C 62 25.17 21.38 0.70
C GLN C 62 24.90 20.77 -0.70
N LYS C 63 23.67 20.39 -0.99
CA LYS C 63 23.33 19.90 -2.36
C LYS C 63 23.63 21.00 -3.37
N PHE C 64 23.45 22.25 -2.97
CA PHE C 64 23.61 23.38 -3.92
C PHE C 64 24.94 24.12 -3.72
N GLN C 65 25.75 23.73 -2.74
CA GLN C 65 26.99 24.50 -2.49
C GLN C 65 27.92 24.40 -3.71
N GLY C 66 28.47 25.53 -4.15
CA GLY C 66 29.43 25.56 -5.28
C GLY C 66 28.76 25.79 -6.62
N ARG C 67 27.44 25.57 -6.70
CA ARG C 67 26.71 25.90 -7.97
C ARG C 67 25.83 27.13 -7.73
N VAL C 68 25.55 27.45 -6.46
CA VAL C 68 24.68 28.62 -6.12
C VAL C 68 25.54 29.73 -5.54
N THR C 69 25.34 30.96 -5.97
CA THR C 69 25.89 32.15 -5.29
C THR C 69 24.73 33.06 -4.97
N ILE C 70 24.69 33.57 -3.74
CA ILE C 70 23.66 34.57 -3.34
C ILE C 70 24.40 35.80 -2.81
N THR C 71 24.06 36.98 -3.33
CA THR C 71 24.71 38.24 -2.90
C THR C 71 23.60 39.25 -2.58
N ALA C 72 23.86 40.22 -1.71
CA ALA C 72 22.74 41.12 -1.33
C ALA C 72 23.12 42.41 -0.59
N ASP C 73 22.46 43.51 -0.95
CA ASP C 73 22.59 44.80 -0.21
C ASP C 73 21.21 45.02 0.42
N GLU C 74 20.89 46.23 0.86
CA GLU C 74 19.60 46.44 1.58
C GLU C 74 18.40 46.55 0.63
N SER C 75 18.63 46.66 -0.68
CA SER C 75 17.49 46.90 -1.62
C SER C 75 17.47 45.89 -2.79
N SER C 76 18.56 45.15 -3.00
CA SER C 76 18.65 44.16 -4.11
C SER C 76 19.25 42.86 -3.56
N ALA C 77 18.69 41.71 -3.96
CA ALA C 77 19.36 40.41 -3.72
C ALA C 77 19.40 39.65 -5.04
N TYR C 78 20.39 38.79 -5.18
CA TYR C 78 20.62 38.02 -6.42
C TYR C 78 20.87 36.58 -6.06
N MET C 79 20.34 35.69 -6.88
CA MET C 79 20.75 34.28 -6.82
C MET C 79 21.29 33.87 -8.19
N GLU C 80 22.51 33.34 -8.24
CA GLU C 80 23.08 32.80 -9.49
C GLU C 80 23.23 31.28 -9.35
N LEU C 81 22.66 30.53 -10.28
CA LEU C 81 22.75 29.04 -10.34
C LEU C 81 23.48 28.65 -11.63
N SER C 82 24.63 27.97 -11.54
CA SER C 82 25.41 27.60 -12.73
C SER C 82 25.25 26.10 -13.06
N SER C 83 25.80 25.69 -14.21
CA SER C 83 25.78 24.31 -14.78
C SER C 83 24.34 23.78 -14.78
N LEU C 84 23.43 24.55 -15.35
CA LEU C 84 21.99 24.26 -15.32
C LEU C 84 21.75 22.92 -16.01
N ARG C 85 20.86 22.12 -15.39
CA ARG C 85 20.46 20.80 -15.94
C ARG C 85 18.93 20.81 -15.94
N SER C 86 18.28 19.81 -16.54
CA SER C 86 16.80 19.80 -16.65
C SER C 86 16.16 19.80 -15.27
N GLU C 87 16.79 19.15 -14.29
CA GLU C 87 16.26 19.06 -12.91
C GLU C 87 16.20 20.43 -12.22
N ASP C 88 16.87 21.44 -12.79
CA ASP C 88 16.83 22.82 -12.23
C ASP C 88 15.61 23.61 -12.74
N THR C 89 14.81 23.02 -13.64
CA THR C 89 13.55 23.71 -14.06
C THR C 89 12.68 23.90 -12.82
N ALA C 90 12.26 25.13 -12.53
CA ALA C 90 11.52 25.45 -11.29
C ALA C 90 11.09 26.89 -11.25
N VAL C 91 10.13 27.19 -10.39
CA VAL C 91 9.83 28.56 -9.93
C VAL C 91 10.81 28.86 -8.79
N TYR C 92 11.61 29.92 -8.93
CA TYR C 92 12.57 30.41 -7.89
C TYR C 92 11.89 31.57 -7.17
N TYR C 93 11.78 31.54 -5.85
CA TYR C 93 11.18 32.67 -5.08
C TYR C 93 12.24 33.31 -4.21
N CYS C 94 12.18 34.62 -4.01
CA CYS C 94 12.90 35.22 -2.87
C CYS C 94 11.88 35.45 -1.76
N ALA C 95 12.31 35.24 -0.54
CA ALA C 95 11.46 35.31 0.68
C ALA C 95 12.29 35.95 1.80
N THR C 96 11.68 36.91 2.48
CA THR C 96 12.22 37.53 3.70
C THR C 96 11.63 36.86 4.93
N PHE C 97 12.31 37.07 6.04
CA PHE C 97 11.87 36.62 7.38
C PHE C 97 12.49 37.58 8.37
N ARG C 98 11.71 38.14 9.29
CA ARG C 98 12.22 39.06 10.32
C ARG C 98 13.29 38.34 11.16
N LEU C 99 14.39 39.05 11.48
CA LEU C 99 15.35 38.52 12.46
C LEU C 99 14.59 38.32 13.78
N THR C 100 15.01 37.35 14.57
CA THR C 100 14.32 36.99 15.83
C THR C 100 14.42 38.08 16.88
N GLY C 101 15.30 39.10 16.74
CA GLY C 101 15.38 40.16 17.76
C GLY C 101 14.34 41.25 17.57
N TYR C 102 13.50 41.16 16.55
CA TYR C 102 12.44 42.11 16.16
C TYR C 102 11.09 41.43 16.27
N SER C 103 10.01 42.20 16.26
CA SER C 103 8.63 41.66 16.38
C SER C 103 8.04 41.40 14.98
N GLY C 104 7.13 40.43 14.90
CA GLY C 104 6.44 40.12 13.65
C GLY C 104 7.22 39.15 12.80
N SER C 105 6.56 38.62 11.81
CA SER C 105 7.12 37.53 10.95
C SER C 105 8.08 38.18 9.95
N GLY C 106 7.74 39.38 9.49
CA GLY C 106 8.45 40.04 8.39
C GLY C 106 8.54 39.16 7.16
N SER C 107 7.56 38.26 7.00
CA SER C 107 7.49 37.27 5.91
C SER C 107 6.88 37.93 4.66
N TYR C 108 7.68 38.07 3.62
CA TYR C 108 7.24 38.50 2.28
C TYR C 108 7.91 37.60 1.25
N TRP C 109 7.16 37.29 0.21
CA TRP C 109 7.55 36.45 -0.94
C TRP C 109 7.45 37.30 -2.20
N GLY C 110 8.47 37.21 -3.03
CA GLY C 110 8.40 37.58 -4.45
C GLY C 110 7.34 36.78 -5.18
N GLN C 111 7.04 37.24 -6.40
CA GLN C 111 6.02 36.66 -7.29
C GLN C 111 6.54 35.34 -7.86
N GLY C 112 7.84 35.07 -7.75
CA GLY C 112 8.48 33.86 -8.30
C GLY C 112 8.91 34.02 -9.74
N THR C 113 9.96 33.32 -10.15
CA THR C 113 10.56 33.38 -11.49
C THR C 113 10.60 31.94 -12.02
N LEU C 114 9.80 31.61 -13.03
CA LEU C 114 9.88 30.30 -13.70
C LEU C 114 11.11 30.27 -14.62
N VAL C 115 12.13 29.50 -14.24
CA VAL C 115 13.32 29.23 -15.11
C VAL C 115 13.04 27.90 -15.79
N THR C 116 13.00 27.89 -17.12
CA THR C 116 12.94 26.62 -17.92
C THR C 116 14.31 26.36 -18.51
N VAL C 117 14.96 25.29 -18.06
CA VAL C 117 16.20 24.72 -18.65
C VAL C 117 15.73 23.85 -19.81
N SER C 118 16.16 24.19 -21.02
CA SER C 118 15.68 23.56 -22.27
C SER C 118 16.59 23.98 -23.43
N SER C 119 16.66 23.14 -24.46
CA SER C 119 17.42 23.33 -25.71
C SER C 119 16.55 24.05 -26.74
N ALA C 120 15.22 24.05 -26.54
CA ALA C 120 14.23 24.64 -27.49
C ALA C 120 14.24 26.17 -27.33
N SER C 121 13.99 26.89 -28.42
CA SER C 121 13.93 28.38 -28.45
C SER C 121 12.63 28.87 -27.83
N THR C 122 12.66 30.09 -27.30
CA THR C 122 11.41 30.80 -26.92
C THR C 122 10.61 31.00 -28.21
N LYS C 123 9.30 31.05 -28.08
CA LYS C 123 8.31 31.20 -29.18
C LYS C 123 7.16 32.00 -28.60
N GLY C 124 6.96 33.23 -29.08
CA GLY C 124 5.82 34.10 -28.72
C GLY C 124 4.49 33.47 -29.16
N PRO C 125 3.37 33.71 -28.44
CA PRO C 125 2.10 33.11 -28.81
C PRO C 125 1.45 33.90 -29.96
N SER C 126 0.58 33.28 -30.76
CA SER C 126 -0.44 33.96 -31.58
C SER C 126 -1.66 34.17 -30.70
N VAL C 127 -2.27 35.35 -30.72
CA VAL C 127 -3.49 35.66 -29.92
C VAL C 127 -4.66 35.77 -30.90
N PHE C 128 -5.75 35.00 -30.69
CA PHE C 128 -6.96 34.99 -31.54
C PHE C 128 -8.15 35.35 -30.66
N PRO C 129 -9.11 36.17 -31.14
CA PRO C 129 -10.33 36.45 -30.38
C PRO C 129 -11.34 35.29 -30.36
N LEU C 130 -12.01 35.08 -29.23
CA LEU C 130 -13.13 34.09 -29.07
C LEU C 130 -14.44 34.88 -29.00
N ALA C 131 -15.04 35.08 -30.18
CA ALA C 131 -16.25 35.92 -30.40
C ALA C 131 -17.46 35.25 -29.79
N PRO C 132 -18.26 35.96 -28.97
CA PRO C 132 -19.46 35.39 -28.39
C PRO C 132 -20.52 35.14 -29.46
N SER C 133 -21.12 33.93 -29.39
CA SER C 133 -22.41 33.55 -30.03
C SER C 133 -23.19 32.67 -29.04
N GLY C 140 -29.53 35.48 -20.61
CA GLY C 140 -28.96 36.01 -19.36
C GLY C 140 -27.63 36.73 -19.57
N THR C 141 -26.67 36.11 -20.26
CA THR C 141 -25.26 36.59 -20.37
C THR C 141 -24.63 36.07 -21.68
N ALA C 142 -23.45 36.59 -22.06
CA ALA C 142 -22.63 36.13 -23.21
C ALA C 142 -21.18 35.92 -22.78
N ALA C 143 -20.49 34.98 -23.45
CA ALA C 143 -19.11 34.62 -23.04
C ALA C 143 -18.13 34.95 -24.16
N LEU C 144 -17.11 35.74 -23.86
CA LEU C 144 -16.10 36.14 -24.88
C LEU C 144 -14.70 35.97 -24.29
N GLY C 145 -13.70 35.78 -25.14
CA GLY C 145 -12.32 35.72 -24.63
C GLY C 145 -11.27 35.65 -25.73
N CYS C 146 -10.06 35.23 -25.41
CA CYS C 146 -9.06 34.96 -26.46
C CYS C 146 -8.27 33.70 -26.18
N LEU C 147 -7.96 33.05 -27.29
CA LEU C 147 -7.10 31.87 -27.46
C LEU C 147 -5.64 32.34 -27.57
N VAL C 148 -4.80 31.91 -26.65
CA VAL C 148 -3.35 32.27 -26.60
C VAL C 148 -2.60 31.00 -27.02
N LYS C 149 -2.23 30.93 -28.30
CA LYS C 149 -1.88 29.65 -28.97
C LYS C 149 -0.38 29.56 -29.25
N ASP C 150 0.20 28.37 -28.98
CA ASP C 150 1.54 27.90 -29.44
C ASP C 150 2.65 28.83 -28.93
N TYR C 151 2.88 28.87 -27.62
CA TYR C 151 3.97 29.63 -26.97
C TYR C 151 4.89 28.66 -26.23
N PHE C 152 6.09 29.09 -25.90
CA PHE C 152 7.09 28.32 -25.12
C PHE C 152 8.17 29.26 -24.63
N PRO C 153 8.59 29.20 -23.36
CA PRO C 153 7.98 28.34 -22.35
C PRO C 153 6.79 29.07 -21.70
N GLU C 154 6.28 28.55 -20.59
CA GLU C 154 5.40 29.31 -19.67
C GLU C 154 6.26 30.33 -18.93
N PRO C 155 5.68 31.35 -18.25
CA PRO C 155 4.24 31.57 -18.23
C PRO C 155 3.84 32.63 -19.25
N VAL C 156 2.55 32.72 -19.45
CA VAL C 156 1.88 33.86 -20.10
C VAL C 156 1.07 34.53 -18.99
N THR C 157 0.80 35.82 -19.07
CA THR C 157 -0.19 36.48 -18.17
C THR C 157 -1.25 37.15 -19.04
N VAL C 158 -2.48 37.29 -18.54
CA VAL C 158 -3.62 37.88 -19.33
C VAL C 158 -4.33 38.91 -18.44
N SER C 159 -4.76 40.03 -19.05
CA SER C 159 -5.71 40.99 -18.44
C SER C 159 -6.66 41.46 -19.54
N TRP C 160 -7.76 42.13 -19.16
CA TRP C 160 -8.82 42.63 -20.07
C TRP C 160 -8.92 44.16 -19.93
N ASN C 161 -9.14 44.85 -21.05
CA ASN C 161 -9.32 46.33 -21.13
C ASN C 161 -8.30 47.04 -20.23
N GLY C 168 -15.63 37.57 -12.61
CA GLY C 168 -15.98 37.99 -13.97
C GLY C 168 -14.99 37.51 -15.00
N VAL C 169 -13.71 37.39 -14.61
CA VAL C 169 -12.66 36.99 -15.59
C VAL C 169 -12.13 35.62 -15.19
N HIS C 170 -12.01 34.70 -16.15
CA HIS C 170 -11.46 33.35 -15.82
C HIS C 170 -10.30 33.03 -16.75
N THR C 171 -9.10 32.88 -16.20
CA THR C 171 -7.95 32.47 -17.03
C THR C 171 -7.70 30.98 -16.78
N PHE C 172 -7.77 30.17 -17.83
CA PHE C 172 -7.66 28.71 -17.67
C PHE C 172 -6.18 28.35 -17.72
N PRO C 173 -5.73 27.35 -16.94
CA PRO C 173 -4.40 26.77 -17.11
C PRO C 173 -4.18 26.32 -18.57
N ALA C 174 -2.92 26.49 -18.99
CA ALA C 174 -2.41 26.10 -20.32
C ALA C 174 -2.52 24.59 -20.51
N VAL C 175 -2.69 24.22 -21.77
CA VAL C 175 -2.51 22.84 -22.27
C VAL C 175 -1.14 22.78 -22.95
N LEU C 176 -0.44 21.66 -22.80
CA LEU C 176 0.84 21.33 -23.50
C LEU C 176 0.52 20.36 -24.66
N GLN C 177 0.77 20.77 -25.89
CA GLN C 177 0.59 19.93 -27.11
C GLN C 177 1.82 19.00 -27.26
N SER C 178 1.65 17.92 -28.05
CA SER C 178 2.72 16.92 -28.34
C SER C 178 3.90 17.60 -29.02
N SER C 179 3.63 18.70 -29.74
CA SER C 179 4.62 19.67 -30.27
C SER C 179 5.60 20.15 -29.18
N GLY C 180 5.26 20.00 -27.89
CA GLY C 180 6.00 20.63 -26.77
C GLY C 180 5.68 22.12 -26.58
N LEU C 181 4.74 22.69 -27.35
CA LEU C 181 4.26 24.10 -27.23
C LEU C 181 2.96 24.17 -26.40
N TYR C 182 2.74 25.31 -25.72
CA TYR C 182 1.54 25.54 -24.86
C TYR C 182 0.48 26.38 -25.58
N SER C 183 -0.74 26.29 -25.05
CA SER C 183 -1.87 27.13 -25.52
C SER C 183 -2.76 27.32 -24.28
N LEU C 184 -3.30 28.52 -24.06
CA LEU C 184 -4.22 28.77 -22.91
C LEU C 184 -5.36 29.66 -23.35
N SER C 185 -6.40 29.78 -22.52
CA SER C 185 -7.54 30.69 -22.84
C SER C 185 -8.02 31.49 -21.62
N SER C 186 -8.50 32.71 -21.85
CA SER C 186 -9.08 33.59 -20.79
C SER C 186 -10.48 33.96 -21.28
N VAL C 187 -11.42 34.05 -20.35
CA VAL C 187 -12.88 34.21 -20.64
C VAL C 187 -13.42 35.31 -19.75
N VAL C 188 -14.16 36.22 -20.37
CA VAL C 188 -14.95 37.26 -19.65
C VAL C 188 -16.42 37.02 -20.00
N THR C 189 -17.25 36.95 -18.96
CA THR C 189 -18.72 36.78 -19.08
C THR C 189 -19.37 38.15 -18.87
N VAL C 190 -20.18 38.62 -19.82
CA VAL C 190 -20.76 40.00 -19.83
C VAL C 190 -22.24 39.93 -20.17
N PRO C 191 -23.06 40.95 -19.80
CA PRO C 191 -24.45 40.99 -20.24
C PRO C 191 -24.51 41.14 -21.77
N SER C 192 -25.46 40.45 -22.41
CA SER C 192 -25.74 40.43 -23.86
C SER C 192 -25.92 41.87 -24.39
N SER C 193 -26.58 42.74 -23.62
CA SER C 193 -26.90 44.16 -23.98
C SER C 193 -25.64 45.03 -24.06
N SER C 194 -24.61 44.70 -23.28
CA SER C 194 -23.32 45.45 -23.21
C SER C 194 -22.43 45.08 -24.40
N LEU C 195 -22.76 44.01 -25.15
CA LEU C 195 -21.95 43.53 -26.31
C LEU C 195 -22.01 44.57 -27.44
N GLY C 196 -23.18 45.15 -27.70
CA GLY C 196 -23.41 46.11 -28.80
C GLY C 196 -22.72 47.45 -28.56
N THR C 197 -22.38 47.76 -27.29
CA THR C 197 -22.10 49.14 -26.81
C THR C 197 -20.80 49.24 -25.99
N GLN C 198 -20.13 48.11 -25.77
CA GLN C 198 -18.86 48.11 -24.98
C GLN C 198 -17.77 47.37 -25.75
N THR C 199 -16.52 47.76 -25.54
CA THR C 199 -15.36 47.16 -26.27
C THR C 199 -14.61 46.24 -25.30
N TYR C 200 -14.17 45.09 -25.79
CA TYR C 200 -13.36 44.08 -25.05
C TYR C 200 -12.06 43.86 -25.83
N ILE C 201 -10.93 44.09 -25.15
CA ILE C 201 -9.55 43.75 -25.62
C ILE C 201 -8.91 42.88 -24.53
N CYS C 202 -8.23 41.79 -24.87
CA CYS C 202 -7.42 41.05 -23.87
C CYS C 202 -5.94 41.40 -24.07
N ASN C 203 -5.26 41.59 -22.93
CA ASN C 203 -3.83 41.98 -22.89
C ASN C 203 -3.00 40.77 -22.49
N VAL C 204 -2.28 40.19 -23.43
CA VAL C 204 -1.46 38.96 -23.24
C VAL C 204 0.01 39.38 -23.13
N ASN C 205 0.66 39.12 -21.99
CA ASN C 205 2.11 39.34 -21.82
C ASN C 205 2.84 37.98 -21.78
N HIS C 206 3.68 37.70 -22.78
CA HIS C 206 4.66 36.58 -22.74
C HIS C 206 6.08 37.14 -22.54
N LYS C 207 6.51 37.31 -21.28
CA LYS C 207 7.82 37.95 -20.93
C LYS C 207 8.97 37.18 -21.57
N PRO C 208 9.07 35.84 -21.48
CA PRO C 208 10.25 35.12 -21.96
C PRO C 208 10.58 35.34 -23.44
N SER C 209 9.60 35.72 -24.26
CA SER C 209 9.82 36.09 -25.68
C SER C 209 9.70 37.60 -25.81
N ASN C 210 9.57 38.33 -24.69
CA ASN C 210 9.45 39.80 -24.66
C ASN C 210 8.15 40.25 -25.33
N THR C 211 7.16 39.38 -25.52
CA THR C 211 5.97 39.63 -26.37
C THR C 211 4.83 40.25 -25.55
N LYS C 212 4.20 41.30 -26.04
CA LYS C 212 2.94 41.86 -25.47
C LYS C 212 2.00 42.07 -26.64
N VAL C 213 0.79 41.50 -26.56
CA VAL C 213 -0.21 41.48 -27.67
C VAL C 213 -1.58 41.79 -27.05
N ASP C 214 -2.33 42.69 -27.70
CA ASP C 214 -3.69 43.13 -27.33
C ASP C 214 -4.58 42.77 -28.54
N LYS C 215 -5.71 42.10 -28.34
CA LYS C 215 -6.60 41.67 -29.44
C LYS C 215 -8.05 42.08 -29.12
N LYS C 216 -8.70 42.68 -30.11
CA LYS C 216 -10.11 43.14 -30.03
C LYS C 216 -11.01 41.91 -30.17
N VAL C 217 -11.95 41.74 -29.26
CA VAL C 217 -12.95 40.62 -29.29
C VAL C 217 -14.34 41.24 -29.44
N GLU C 218 -14.90 41.19 -30.66
CA GLU C 218 -16.25 41.75 -31.00
C GLU C 218 -17.10 40.66 -31.64
N PRO C 219 -18.45 40.75 -31.52
CA PRO C 219 -19.38 39.78 -32.14
C PRO C 219 -19.28 39.63 -33.67
N ASP D 1 5.35 -41.99 6.45
CA ASP D 1 6.16 -42.97 5.69
C ASP D 1 6.89 -42.26 4.55
N ILE D 2 6.15 -41.77 3.56
CA ILE D 2 6.81 -40.99 2.46
C ILE D 2 6.76 -39.52 2.83
N GLN D 3 7.93 -38.89 2.93
CA GLN D 3 8.02 -37.47 3.33
C GLN D 3 8.19 -36.59 2.09
N MET D 4 7.46 -35.50 2.03
CA MET D 4 7.58 -34.55 0.90
C MET D 4 8.24 -33.27 1.41
N THR D 5 9.36 -32.88 0.81
CA THR D 5 10.06 -31.63 1.18
C THR D 5 9.79 -30.60 0.08
N GLN D 6 9.09 -29.53 0.42
CA GLN D 6 8.73 -28.50 -0.58
C GLN D 6 9.59 -27.26 -0.36
N SER D 7 10.16 -26.72 -1.42
CA SER D 7 11.00 -25.49 -1.33
C SER D 7 10.59 -24.53 -2.45
N PRO D 8 10.65 -23.20 -2.25
CA PRO D 8 10.80 -22.62 -0.90
C PRO D 8 9.51 -22.67 -0.06
N SER D 9 9.54 -22.13 1.15
CA SER D 9 8.34 -22.07 2.02
C SER D 9 7.57 -20.78 1.69
N THR D 10 8.28 -19.73 1.33
CA THR D 10 7.70 -18.42 0.89
C THR D 10 8.52 -17.92 -0.30
N LEU D 11 7.80 -17.41 -1.29
CA LEU D 11 8.41 -16.88 -2.52
C LEU D 11 7.81 -15.51 -2.78
N SER D 12 8.64 -14.49 -2.85
CA SER D 12 8.18 -13.13 -3.20
C SER D 12 8.67 -12.82 -4.61
N ALA D 13 7.76 -12.42 -5.48
CA ALA D 13 8.11 -12.11 -6.89
C ALA D 13 7.13 -11.11 -7.46
N SER D 14 7.47 -10.53 -8.61
CA SER D 14 6.63 -9.49 -9.24
C SER D 14 5.75 -10.07 -10.35
N VAL D 15 4.71 -9.34 -10.74
CA VAL D 15 3.85 -9.77 -11.86
C VAL D 15 4.72 -9.94 -13.11
N GLY D 16 4.56 -11.05 -13.85
CA GLY D 16 5.32 -11.32 -15.08
C GLY D 16 6.57 -12.13 -14.87
N ASP D 17 6.95 -12.35 -13.63
CA ASP D 17 8.15 -13.18 -13.34
C ASP D 17 7.86 -14.67 -13.50
N ARG D 18 8.88 -15.44 -13.85
CA ARG D 18 8.76 -16.91 -13.91
C ARG D 18 9.09 -17.44 -12.53
N VAL D 19 8.22 -18.26 -11.97
CA VAL D 19 8.44 -18.79 -10.59
C VAL D 19 8.48 -20.31 -10.63
N THR D 20 9.34 -20.90 -9.81
CA THR D 20 9.52 -22.36 -9.79
C THR D 20 9.46 -22.86 -8.34
N ILE D 21 8.59 -23.81 -8.08
CA ILE D 21 8.44 -24.41 -6.72
C ILE D 21 8.88 -25.87 -6.84
N THR D 22 9.70 -26.33 -5.91
CA THR D 22 10.27 -27.69 -5.97
C THR D 22 9.65 -28.58 -4.89
N CYS D 23 9.47 -29.87 -5.19
CA CYS D 23 8.95 -30.85 -4.20
C CYS D 23 9.82 -32.09 -4.31
N ARG D 24 10.37 -32.53 -3.18
CA ARG D 24 11.24 -33.72 -3.17
C ARG D 24 10.62 -34.84 -2.34
N ALA D 25 10.60 -36.04 -2.89
CA ALA D 25 10.04 -37.20 -2.17
C ALA D 25 11.15 -38.03 -1.53
N SER D 26 10.92 -38.49 -0.30
CA SER D 26 11.90 -39.31 0.45
C SER D 26 12.14 -40.63 -0.30
N GLN D 27 11.17 -41.07 -1.10
CA GLN D 27 11.32 -42.30 -1.89
C GLN D 27 10.61 -42.15 -3.23
N ASN D 28 10.86 -43.08 -4.15
CA ASN D 28 10.27 -43.03 -5.51
C ASN D 28 8.74 -43.03 -5.41
N ILE D 29 8.10 -42.10 -6.10
CA ILE D 29 6.62 -42.02 -6.13
C ILE D 29 6.21 -42.05 -7.60
N ASN D 30 7.15 -42.40 -8.49
CA ASN D 30 6.93 -42.38 -9.96
C ASN D 30 6.38 -41.03 -10.43
N ASN D 31 5.25 -41.04 -11.11
CA ASN D 31 4.55 -39.85 -11.64
C ASN D 31 3.42 -39.42 -10.68
N TRP D 32 3.25 -40.14 -9.57
CA TRP D 32 2.07 -39.91 -8.69
C TRP D 32 2.27 -38.69 -7.80
N LEU D 33 2.28 -37.51 -8.41
CA LEU D 33 2.46 -36.26 -7.66
C LEU D 33 1.42 -35.26 -8.16
N ALA D 34 0.72 -34.64 -7.24
CA ALA D 34 -0.28 -33.63 -7.59
C ALA D 34 0.09 -32.26 -7.00
N TRP D 35 -0.38 -31.19 -7.64
CA TRP D 35 -0.16 -29.81 -7.15
C TRP D 35 -1.51 -29.14 -6.92
N TYR D 36 -1.72 -28.61 -5.73
CA TYR D 36 -2.92 -27.88 -5.34
C TYR D 36 -2.52 -26.44 -5.10
N GLN D 37 -3.49 -25.55 -5.31
CA GLN D 37 -3.32 -24.11 -5.03
C GLN D 37 -4.43 -23.80 -4.03
N GLN D 38 -4.10 -23.14 -2.93
CA GLN D 38 -5.17 -22.72 -2.00
C GLN D 38 -5.16 -21.19 -1.97
N LYS D 39 -6.22 -20.59 -2.48
CA LYS D 39 -6.33 -19.12 -2.46
C LYS D 39 -6.76 -18.67 -1.05
N PRO D 40 -6.40 -17.45 -0.57
CA PRO D 40 -6.72 -17.08 0.79
C PRO D 40 -8.22 -17.19 1.07
N GLY D 41 -8.59 -17.90 2.14
CA GLY D 41 -10.01 -18.07 2.50
C GLY D 41 -10.75 -19.10 1.66
N LYS D 42 -10.07 -20.01 0.97
CA LYS D 42 -10.77 -20.97 0.06
C LYS D 42 -10.36 -22.43 0.32
N ALA D 43 -11.12 -23.39 -0.18
CA ALA D 43 -10.69 -24.80 -0.28
C ALA D 43 -9.59 -24.95 -1.32
N PRO D 44 -8.64 -25.89 -1.16
CA PRO D 44 -7.68 -26.20 -2.21
C PRO D 44 -8.37 -26.60 -3.52
N ASN D 45 -7.68 -26.30 -4.63
N ASN D 45 -7.67 -26.31 -4.62
CA ASN D 45 -8.15 -26.65 -5.98
CA ASN D 45 -8.16 -26.67 -5.98
C ASN D 45 -6.97 -27.32 -6.70
C ASN D 45 -6.99 -27.29 -6.75
N LEU D 46 -7.21 -28.42 -7.39
CA LEU D 46 -6.20 -29.15 -8.14
C LEU D 46 -5.71 -28.28 -9.32
N LEU D 47 -4.41 -28.24 -9.52
CA LEU D 47 -3.78 -27.60 -10.69
C LEU D 47 -3.25 -28.69 -11.60
N ILE D 48 -2.53 -29.63 -11.04
CA ILE D 48 -1.74 -30.64 -11.80
C ILE D 48 -1.84 -31.98 -11.10
N TYR D 49 -1.97 -33.04 -11.89
CA TYR D 49 -1.97 -34.42 -11.34
C TYR D 49 -1.12 -35.28 -12.29
N LYS D 50 -0.64 -36.42 -11.81
CA LYS D 50 0.25 -37.29 -12.63
C LYS D 50 1.50 -36.50 -13.01
N ALA D 51 1.96 -35.59 -12.13
CA ALA D 51 3.20 -34.80 -12.35
C ALA D 51 3.06 -33.69 -13.41
N SER D 52 2.56 -34.01 -14.60
CA SER D 52 2.53 -33.02 -15.71
C SER D 52 1.13 -32.79 -16.29
N THR D 53 0.09 -33.51 -15.83
CA THR D 53 -1.24 -33.36 -16.46
C THR D 53 -1.98 -32.17 -15.86
N LEU D 54 -2.45 -31.26 -16.69
CA LEU D 54 -3.15 -30.05 -16.21
C LEU D 54 -4.60 -30.35 -15.93
N GLU D 55 -5.13 -29.81 -14.84
CA GLU D 55 -6.57 -29.97 -14.53
C GLU D 55 -7.38 -29.11 -15.51
N THR D 56 -8.61 -29.52 -15.79
CA THR D 56 -9.49 -28.75 -16.69
C THR D 56 -9.72 -27.37 -16.09
N GLY D 57 -9.63 -26.33 -16.93
CA GLY D 57 -9.86 -24.95 -16.48
C GLY D 57 -8.60 -24.28 -15.96
N VAL D 58 -7.51 -25.02 -15.86
CA VAL D 58 -6.24 -24.46 -15.34
C VAL D 58 -5.50 -23.76 -16.48
N PRO D 59 -5.08 -22.49 -16.30
CA PRO D 59 -4.33 -21.78 -17.33
C PRO D 59 -2.97 -22.42 -17.66
N SER D 60 -2.53 -22.32 -18.91
CA SER D 60 -1.26 -22.95 -19.36
C SER D 60 -0.03 -22.28 -18.78
N ARG D 61 -0.18 -21.14 -18.11
CA ARG D 61 0.98 -20.52 -17.42
C ARG D 61 1.49 -21.55 -16.41
N PHE D 62 0.60 -22.37 -15.86
CA PHE D 62 1.01 -23.44 -14.92
C PHE D 62 1.46 -24.72 -15.63
N SER D 63 2.64 -25.24 -15.33
CA SER D 63 3.06 -26.59 -15.79
C SER D 63 3.77 -27.33 -14.66
N GLY D 64 3.79 -28.66 -14.73
CA GLY D 64 4.50 -29.49 -13.73
C GLY D 64 5.50 -30.38 -14.44
N SER D 65 6.58 -30.73 -13.78
CA SER D 65 7.57 -31.63 -14.40
C SER D 65 8.17 -32.51 -13.32
N GLY D 66 8.88 -33.55 -13.75
CA GLY D 66 9.58 -34.41 -12.78
C GLY D 66 9.03 -35.82 -12.70
N SER D 67 9.83 -36.72 -12.14
CA SER D 67 9.44 -38.13 -11.95
C SER D 67 10.34 -38.67 -10.85
N GLY D 68 9.98 -39.80 -10.24
CA GLY D 68 10.78 -40.36 -9.15
C GLY D 68 10.69 -39.57 -7.86
N THR D 69 11.76 -38.86 -7.51
CA THR D 69 11.80 -38.13 -6.22
C THR D 69 11.84 -36.61 -6.40
N GLU D 70 11.93 -36.13 -7.64
CA GLU D 70 12.13 -34.67 -7.85
C GLU D 70 11.05 -34.09 -8.76
N PHE D 71 10.34 -33.07 -8.31
CA PHE D 71 9.19 -32.49 -9.04
C PHE D 71 9.29 -30.97 -8.96
N THR D 72 8.80 -30.29 -10.00
CA THR D 72 8.76 -28.81 -9.99
C THR D 72 7.44 -28.28 -10.53
N LEU D 73 6.88 -27.26 -9.90
CA LEU D 73 5.70 -26.55 -10.44
C LEU D 73 6.24 -25.21 -10.97
N THR D 74 5.88 -24.85 -12.19
CA THR D 74 6.38 -23.60 -12.79
C THR D 74 5.23 -22.69 -13.20
N ILE D 75 5.27 -21.43 -12.80
CA ILE D 75 4.31 -20.42 -13.30
C ILE D 75 5.14 -19.55 -14.27
N SER D 76 4.82 -19.58 -15.55
CA SER D 76 5.61 -18.87 -16.60
C SER D 76 5.57 -17.35 -16.41
N SER D 77 4.41 -16.79 -16.07
CA SER D 77 4.25 -15.34 -15.87
C SER D 77 3.33 -15.17 -14.67
N LEU D 78 3.88 -14.74 -13.53
CA LEU D 78 3.09 -14.70 -12.28
C LEU D 78 2.02 -13.61 -12.42
N GLN D 79 0.74 -13.91 -12.14
CA GLN D 79 -0.39 -12.96 -12.23
C GLN D 79 -0.88 -12.63 -10.82
N PRO D 80 -1.62 -11.51 -10.57
CA PRO D 80 -2.18 -11.25 -9.24
C PRO D 80 -3.04 -12.39 -8.64
N ASP D 81 -3.79 -13.12 -9.46
CA ASP D 81 -4.64 -14.26 -9.03
C ASP D 81 -3.80 -15.43 -8.52
N ASP D 82 -2.51 -15.47 -8.83
CA ASP D 82 -1.60 -16.57 -8.41
C ASP D 82 -1.18 -16.42 -6.94
N LEU D 83 -1.51 -15.30 -6.31
CA LEU D 83 -1.27 -15.09 -4.87
C LEU D 83 -2.00 -16.22 -4.13
N ALA D 84 -1.28 -17.13 -3.50
CA ALA D 84 -1.87 -18.38 -2.99
C ALA D 84 -0.79 -19.15 -2.28
N THR D 85 -1.18 -20.22 -1.60
CA THR D 85 -0.24 -21.24 -1.10
C THR D 85 -0.42 -22.48 -1.96
N TYR D 86 0.72 -22.99 -2.42
CA TYR D 86 0.73 -24.15 -3.32
C TYR D 86 1.26 -25.36 -2.54
N TYR D 87 0.61 -26.50 -2.73
CA TYR D 87 1.01 -27.73 -2.00
C TYR D 87 1.22 -28.87 -2.97
N CYS D 88 2.36 -29.54 -2.84
CA CYS D 88 2.54 -30.79 -3.62
C CYS D 88 1.93 -31.93 -2.80
N GLN D 89 1.55 -33.03 -3.44
CA GLN D 89 0.96 -34.19 -2.73
C GLN D 89 1.23 -35.50 -3.48
N GLN D 90 1.92 -36.44 -2.83
CA GLN D 90 2.19 -37.77 -3.44
C GLN D 90 0.96 -38.68 -3.24
N TYR D 91 0.62 -39.47 -4.24
CA TYR D 91 -0.49 -40.46 -4.10
C TYR D 91 -0.01 -41.85 -4.52
N HIS D 92 1.29 -42.13 -4.37
CA HIS D 92 1.88 -43.45 -4.71
C HIS D 92 1.61 -44.45 -3.58
N SER D 93 1.94 -44.10 -2.34
CA SER D 93 1.69 -44.96 -1.15
C SER D 93 1.01 -44.10 -0.08
N HIS D 94 -0.29 -44.31 0.15
CA HIS D 94 -1.06 -43.42 1.04
C HIS D 94 -1.01 -42.02 0.39
N ARG D 95 -1.18 -40.95 1.17
CA ARG D 95 -0.98 -39.60 0.61
C ARG D 95 -0.16 -38.76 1.59
N THR D 96 0.69 -37.88 1.08
CA THR D 96 1.47 -36.95 1.94
C THR D 96 1.57 -35.58 1.25
N PHE D 97 1.13 -34.53 1.94
CA PHE D 97 1.28 -33.16 1.39
C PHE D 97 2.65 -32.58 1.73
N GLY D 98 3.13 -31.68 0.88
CA GLY D 98 4.33 -30.92 1.24
C GLY D 98 3.93 -29.82 2.21
N GLN D 99 4.90 -29.13 2.81
CA GLN D 99 4.63 -28.07 3.81
C GLN D 99 3.86 -26.90 3.19
N GLY D 100 3.96 -26.73 1.87
CA GLY D 100 3.31 -25.58 1.22
C GLY D 100 4.28 -24.48 0.84
N THR D 101 3.99 -23.78 -0.25
CA THR D 101 4.81 -22.63 -0.67
C THR D 101 3.89 -21.42 -0.79
N LYS D 102 4.10 -20.42 0.07
CA LYS D 102 3.30 -19.17 -0.02
C LYS D 102 3.92 -18.26 -1.09
N VAL D 103 3.17 -17.98 -2.14
CA VAL D 103 3.65 -17.09 -3.23
C VAL D 103 3.05 -15.71 -3.04
N GLU D 104 3.90 -14.70 -2.92
CA GLU D 104 3.46 -13.29 -2.77
C GLU D 104 3.68 -12.57 -4.11
N VAL D 105 2.69 -11.81 -4.57
CA VAL D 105 2.79 -11.15 -5.90
C VAL D 105 2.98 -9.64 -5.69
N LYS D 106 4.20 -9.17 -5.93
CA LYS D 106 4.55 -7.76 -5.71
C LYS D 106 4.40 -6.95 -6.98
N GLY D 107 4.69 -5.65 -6.94
CA GLY D 107 4.70 -4.82 -8.16
C GLY D 107 3.33 -4.54 -8.74
N GLN D 108 2.30 -4.55 -7.90
CA GLN D 108 0.96 -4.19 -8.39
C GLN D 108 0.72 -2.70 -8.14
N PRO D 109 -0.22 -2.05 -8.86
CA PRO D 109 -0.47 -0.64 -8.64
C PRO D 109 -0.96 -0.32 -7.22
N LYS D 110 -0.52 0.80 -6.67
CA LYS D 110 -0.97 1.22 -5.34
C LYS D 110 -2.46 1.58 -5.38
N ALA D 111 -3.17 1.26 -4.30
CA ALA D 111 -4.59 1.65 -4.19
C ALA D 111 -4.81 2.18 -2.77
N ASN D 112 -5.48 3.32 -2.65
CA ASN D 112 -5.70 3.91 -1.33
C ASN D 112 -7.03 3.40 -0.82
N PRO D 113 -7.15 3.31 0.51
CA PRO D 113 -8.32 2.67 1.12
C PRO D 113 -9.56 3.57 1.01
N THR D 114 -10.72 2.95 0.84
CA THR D 114 -12.03 3.53 1.21
C THR D 114 -12.23 3.31 2.71
N VAL D 115 -12.72 4.32 3.41
CA VAL D 115 -12.95 4.20 4.87
C VAL D 115 -14.40 4.51 5.19
N THR D 116 -15.06 3.61 5.90
CA THR D 116 -16.45 3.84 6.35
C THR D 116 -16.49 3.73 7.88
N LEU D 117 -16.97 4.77 8.54
CA LEU D 117 -17.03 4.79 10.02
C LEU D 117 -18.49 4.88 10.46
N PHE D 118 -18.88 3.96 11.34
CA PHE D 118 -20.27 3.92 11.82
C PHE D 118 -20.33 4.24 13.31
N PRO D 119 -21.24 5.13 13.73
CA PRO D 119 -21.46 5.41 15.14
C PRO D 119 -22.19 4.23 15.82
N PRO D 120 -22.29 4.19 17.16
CA PRO D 120 -23.08 3.15 17.82
C PRO D 120 -24.56 3.24 17.47
N SER D 121 -25.22 2.10 17.28
CA SER D 121 -26.68 2.06 17.04
C SER D 121 -27.43 2.44 18.31
N SER D 122 -28.60 3.04 18.18
CA SER D 122 -29.44 3.36 19.36
C SER D 122 -29.78 2.05 20.07
N GLU D 123 -29.77 0.94 19.34
CA GLU D 123 -30.18 -0.39 19.87
C GLU D 123 -29.05 -0.93 20.76
N GLU D 124 -27.78 -0.75 20.36
CA GLU D 124 -26.60 -1.20 21.15
C GLU D 124 -26.51 -0.33 22.40
N LEU D 125 -26.72 0.98 22.26
CA LEU D 125 -26.72 1.95 23.39
C LEU D 125 -27.80 1.51 24.39
N GLN D 126 -29.00 1.16 23.88
CA GLN D 126 -30.12 0.60 24.67
C GLN D 126 -29.63 -0.60 25.48
N ALA D 127 -28.71 -1.40 24.93
CA ALA D 127 -28.15 -2.62 25.56
C ALA D 127 -26.95 -2.26 26.45
N ASN D 128 -26.70 -0.97 26.63
CA ASN D 128 -25.63 -0.41 27.50
C ASN D 128 -24.23 -0.77 26.98
N LYS D 129 -24.05 -0.86 25.66
CA LYS D 129 -22.73 -1.01 25.00
C LYS D 129 -22.63 0.06 23.90
N ALA D 130 -21.44 0.23 23.36
CA ALA D 130 -21.17 1.18 22.26
C ALA D 130 -19.94 0.68 21.52
N THR D 131 -20.11 0.40 20.23
CA THR D 131 -19.02 0.02 19.34
C THR D 131 -19.01 1.02 18.16
N LEU D 132 -17.87 1.67 17.96
CA LEU D 132 -17.54 2.36 16.70
C LEU D 132 -16.93 1.32 15.75
N VAL D 133 -17.42 1.31 14.52
CA VAL D 133 -16.98 0.33 13.50
C VAL D 133 -16.30 1.07 12.33
N CYS D 134 -15.01 0.81 12.15
CA CYS D 134 -14.26 1.44 11.04
C CYS D 134 -13.90 0.37 10.02
N LEU D 135 -14.40 0.51 8.80
CA LEU D 135 -14.20 -0.51 7.75
C LEU D 135 -13.30 0.03 6.65
N ILE D 136 -12.25 -0.72 6.32
CA ILE D 136 -11.23 -0.25 5.35
C ILE D 136 -11.24 -1.21 4.16
N SER D 137 -11.35 -0.67 2.95
CA SER D 137 -11.49 -1.56 1.76
C SER D 137 -10.70 -1.06 0.55
N ASP D 138 -10.43 -1.96 -0.40
CA ASP D 138 -9.78 -1.61 -1.70
C ASP D 138 -8.41 -0.95 -1.54
N PHE D 139 -7.57 -1.48 -0.65
CA PHE D 139 -6.21 -0.92 -0.50
C PHE D 139 -5.11 -1.88 -0.94
N TYR D 140 -4.12 -1.38 -1.65
CA TYR D 140 -2.91 -2.17 -2.01
C TYR D 140 -1.70 -1.23 -1.90
N PRO D 141 -0.52 -1.63 -1.36
CA PRO D 141 -0.26 -2.91 -0.67
C PRO D 141 -1.13 -3.24 0.56
N GLY D 142 -1.11 -4.48 1.02
CA GLY D 142 -1.99 -4.91 2.12
C GLY D 142 -1.44 -4.57 3.49
N ALA D 143 -1.02 -3.33 3.70
CA ALA D 143 -0.61 -2.89 5.05
C ALA D 143 -1.24 -1.54 5.34
N VAL D 144 -1.85 -1.40 6.51
CA VAL D 144 -2.47 -0.11 6.92
C VAL D 144 -2.18 0.11 8.40
N THR D 145 -2.24 1.36 8.83
CA THR D 145 -2.09 1.67 10.28
C THR D 145 -3.36 2.42 10.69
N VAL D 146 -3.96 2.02 11.81
CA VAL D 146 -5.24 2.65 12.26
C VAL D 146 -5.01 3.33 13.61
N ALA D 147 -5.34 4.61 13.68
CA ALA D 147 -5.25 5.37 14.94
C ALA D 147 -6.63 5.93 15.26
N TRP D 148 -7.09 5.73 16.50
CA TRP D 148 -8.40 6.26 16.93
C TRP D 148 -8.17 7.50 17.78
N LYS D 149 -9.00 8.52 17.60
CA LYS D 149 -8.86 9.75 18.39
C LYS D 149 -10.17 10.10 19.07
N ALA D 150 -10.09 10.57 20.31
CA ALA D 150 -11.29 11.10 20.99
C ALA D 150 -11.02 12.59 21.26
N ASP D 151 -11.80 13.48 20.65
CA ASP D 151 -11.60 14.95 20.81
C ASP D 151 -10.16 15.32 20.44
N GLY D 152 -9.57 14.63 19.45
CA GLY D 152 -8.18 14.89 19.02
C GLY D 152 -7.14 14.16 19.86
N SER D 153 -7.55 13.54 20.96
CA SER D 153 -6.61 12.83 21.86
C SER D 153 -6.50 11.36 21.45
N PRO D 154 -5.31 10.75 21.47
CA PRO D 154 -5.18 9.33 21.14
C PRO D 154 -5.99 8.45 22.11
N VAL D 155 -6.71 7.47 21.56
CA VAL D 155 -7.49 6.52 22.40
C VAL D 155 -6.53 5.41 22.81
N LYS D 156 -6.41 5.13 24.11
CA LYS D 156 -5.37 4.17 24.59
C LYS D 156 -5.91 2.78 24.89
N ALA D 157 -7.17 2.50 24.59
CA ALA D 157 -7.80 1.21 24.96
C ALA D 157 -9.10 0.92 24.20
N GLY D 158 -9.46 -0.36 24.10
CA GLY D 158 -10.74 -0.81 23.53
C GLY D 158 -10.69 -0.95 22.02
N VAL D 159 -9.49 -0.96 21.45
CA VAL D 159 -9.26 -1.05 19.99
C VAL D 159 -8.95 -2.51 19.60
N GLU D 160 -9.67 -3.02 18.63
CA GLU D 160 -9.37 -4.35 18.06
C GLU D 160 -9.33 -4.16 16.54
N THR D 161 -8.19 -4.45 15.92
CA THR D 161 -8.03 -4.24 14.47
C THR D 161 -7.60 -5.55 13.83
N THR D 162 -8.27 -5.92 12.75
CA THR D 162 -7.97 -7.17 12.03
C THR D 162 -6.73 -7.05 11.16
N LYS D 163 -6.09 -8.16 10.87
CA LYS D 163 -4.98 -8.16 9.88
C LYS D 163 -5.63 -7.95 8.52
N PRO D 164 -4.94 -7.38 7.52
CA PRO D 164 -5.53 -7.23 6.20
C PRO D 164 -5.87 -8.57 5.53
N SER D 165 -7.01 -8.61 4.84
CA SER D 165 -7.46 -9.83 4.13
C SER D 165 -7.64 -9.51 2.65
N LYS D 166 -7.15 -10.39 1.78
CA LYS D 166 -7.26 -10.16 0.32
C LYS D 166 -8.72 -10.29 -0.14
N GLN D 167 -9.17 -9.31 -0.90
CA GLN D 167 -10.52 -9.36 -1.50
C GLN D 167 -10.43 -10.14 -2.81
N SER D 168 -11.57 -10.36 -3.48
CA SER D 168 -11.60 -11.06 -4.79
C SER D 168 -10.81 -10.26 -5.84
N ASN D 169 -10.81 -8.93 -5.73
CA ASN D 169 -10.16 -8.06 -6.75
C ASN D 169 -8.65 -7.89 -6.52
N ASN D 170 -8.07 -8.62 -5.57
CA ASN D 170 -6.59 -8.58 -5.33
C ASN D 170 -6.22 -7.36 -4.49
N LYS D 171 -7.20 -6.56 -4.06
CA LYS D 171 -6.92 -5.45 -3.13
C LYS D 171 -7.20 -5.97 -1.72
N TYR D 172 -7.14 -5.12 -0.70
CA TYR D 172 -7.27 -5.65 0.68
C TYR D 172 -8.34 -4.92 1.48
N ALA D 173 -8.84 -5.56 2.54
CA ALA D 173 -9.85 -5.02 3.46
C ALA D 173 -9.33 -5.27 4.85
N ALA D 174 -9.79 -4.50 5.83
CA ALA D 174 -9.56 -4.75 7.25
C ALA D 174 -10.63 -3.98 7.99
N SER D 175 -10.76 -4.27 9.27
CA SER D 175 -11.80 -3.72 10.14
C SER D 175 -11.11 -3.23 11.40
N SER D 176 -11.59 -2.15 11.97
CA SER D 176 -11.15 -1.72 13.33
C SER D 176 -12.40 -1.40 14.14
N TYR D 177 -12.44 -1.94 15.36
CA TYR D 177 -13.58 -1.71 16.27
C TYR D 177 -13.09 -1.01 17.53
N LEU D 178 -13.79 0.05 17.93
CA LEU D 178 -13.48 0.74 19.21
C LEU D 178 -14.63 0.45 20.17
N SER D 179 -14.30 -0.16 21.32
CA SER D 179 -15.33 -0.49 22.32
C SER D 179 -15.35 0.60 23.38
N LEU D 180 -16.50 1.21 23.61
CA LEU D 180 -16.65 2.32 24.57
C LEU D 180 -17.89 2.11 25.43
N THR D 181 -17.95 2.79 26.56
CA THR D 181 -19.21 2.80 27.35
C THR D 181 -20.12 3.84 26.68
N PRO D 182 -21.45 3.75 26.83
CA PRO D 182 -22.34 4.79 26.30
C PRO D 182 -22.00 6.17 26.88
N GLU D 183 -21.59 6.24 28.15
CA GLU D 183 -21.20 7.51 28.78
C GLU D 183 -20.00 8.16 28.08
N GLN D 184 -18.98 7.38 27.71
CA GLN D 184 -17.80 7.90 26.96
C GLN D 184 -18.25 8.42 25.59
N TRP D 185 -19.16 7.69 24.93
CA TRP D 185 -19.66 8.11 23.61
C TRP D 185 -20.36 9.47 23.72
N LYS D 186 -21.29 9.59 24.66
CA LYS D 186 -22.11 10.82 24.80
C LYS D 186 -21.28 11.99 25.32
N SER D 187 -20.22 11.73 26.08
CA SER D 187 -19.45 12.75 26.86
C SER D 187 -18.32 13.37 26.02
N HIS D 188 -18.09 12.89 24.78
CA HIS D 188 -17.05 13.40 23.86
C HIS D 188 -17.71 14.08 22.68
N ARG D 189 -17.16 15.19 22.19
CA ARG D 189 -17.71 15.93 21.02
C ARG D 189 -17.59 15.06 19.77
N SER D 190 -16.57 14.22 19.69
CA SER D 190 -16.35 13.39 18.47
C SER D 190 -15.33 12.29 18.71
N TYR D 191 -15.34 11.31 17.80
CA TYR D 191 -14.34 10.24 17.69
C TYR D 191 -13.90 10.12 16.24
N SER D 192 -12.67 9.76 16.00
CA SER D 192 -12.19 9.71 14.62
C SER D 192 -11.48 8.39 14.42
N CYS D 193 -11.71 7.78 13.27
CA CYS D 193 -10.93 6.65 12.76
C CYS D 193 -10.00 7.15 11.67
N GLN D 194 -8.69 6.98 11.87
CA GLN D 194 -7.65 7.58 10.97
C GLN D 194 -6.79 6.46 10.43
N VAL D 195 -6.93 6.20 9.13
CA VAL D 195 -6.22 5.05 8.49
C VAL D 195 -5.09 5.59 7.63
N THR D 196 -3.88 5.11 7.88
CA THR D 196 -2.71 5.60 7.13
C THR D 196 -2.23 4.48 6.21
N HIS D 197 -2.12 4.78 4.92
CA HIS D 197 -1.64 3.80 3.92
C HIS D 197 -0.53 4.45 3.09
N GLU D 198 0.68 3.90 3.16
CA GLU D 198 1.85 4.42 2.40
C GLU D 198 1.92 5.94 2.59
N GLY D 199 1.83 6.47 3.81
CA GLY D 199 1.99 7.93 4.02
C GLY D 199 0.75 8.74 3.68
N SER D 200 -0.36 8.13 3.24
CA SER D 200 -1.63 8.87 3.04
C SER D 200 -2.67 8.53 4.11
N THR D 201 -3.24 9.54 4.73
CA THR D 201 -4.17 9.36 5.86
C THR D 201 -5.58 9.70 5.38
N VAL D 202 -6.54 8.77 5.59
CA VAL D 202 -7.96 9.06 5.40
C VAL D 202 -8.60 9.10 6.77
N GLU D 203 -9.24 10.20 7.06
CA GLU D 203 -9.80 10.46 8.39
C GLU D 203 -11.31 10.51 8.23
N LYS D 204 -12.00 9.72 9.04
CA LYS D 204 -13.46 9.78 9.20
C LYS D 204 -13.76 10.06 10.65
N THR D 205 -14.75 10.88 10.87
CA THR D 205 -15.11 11.37 12.23
C THR D 205 -16.62 11.09 12.41
N VAL D 206 -17.02 10.69 13.62
CA VAL D 206 -18.46 10.65 13.99
C VAL D 206 -18.64 11.33 15.34
N ALA D 207 -19.87 11.75 15.62
CA ALA D 207 -20.20 12.44 16.87
C ALA D 207 -21.59 11.96 17.33
N PRO D 208 -21.93 12.09 18.62
CA PRO D 208 -23.23 11.67 19.12
C PRO D 208 -24.34 12.38 18.34
N THR D 209 -24.11 13.61 17.86
CA THR D 209 -25.14 14.21 16.97
C THR D 209 -25.17 13.38 15.68
N GLU D 210 -26.32 12.78 15.36
CA GLU D 210 -26.38 11.85 14.21
C GLU D 210 -27.65 12.09 13.39
N GLN E 1 -22.12 -31.86 -12.12
CA GLN E 1 -22.53 -31.18 -10.87
C GLN E 1 -22.25 -32.11 -9.70
N VAL E 2 -21.03 -32.65 -9.62
CA VAL E 2 -20.68 -33.48 -8.43
C VAL E 2 -20.50 -32.51 -7.26
N GLN E 3 -21.29 -32.67 -6.22
CA GLN E 3 -21.20 -31.79 -5.05
C GLN E 3 -20.93 -32.65 -3.81
N LEU E 4 -19.99 -32.22 -2.98
CA LEU E 4 -19.76 -32.92 -1.70
C LEU E 4 -20.26 -32.02 -0.58
N VAL E 5 -21.26 -32.48 0.17
CA VAL E 5 -21.80 -31.68 1.30
C VAL E 5 -21.34 -32.31 2.61
N GLN E 6 -20.76 -31.50 3.48
CA GLN E 6 -20.22 -31.92 4.78
C GLN E 6 -21.13 -31.40 5.89
N SER E 7 -21.01 -32.01 7.07
CA SER E 7 -21.68 -31.57 8.31
C SER E 7 -21.23 -30.14 8.66
N GLY E 8 -22.09 -29.41 9.35
CA GLY E 8 -21.80 -28.01 9.69
C GLY E 8 -20.71 -27.84 10.72
N ALA E 9 -20.22 -26.62 10.85
CA ALA E 9 -19.17 -26.32 11.84
C ALA E 9 -19.71 -26.57 13.26
N GLU E 10 -18.85 -27.02 14.15
CA GLU E 10 -19.32 -27.33 15.52
C GLU E 10 -18.25 -27.19 16.59
N VAL E 11 -18.67 -26.92 17.82
CA VAL E 11 -17.73 -26.88 18.98
C VAL E 11 -17.80 -28.28 19.62
N LYS E 12 -16.64 -28.85 19.88
CA LYS E 12 -16.56 -30.17 20.53
C LYS E 12 -15.73 -30.03 21.81
N LYS E 13 -16.22 -30.60 22.90
CA LYS E 13 -15.49 -30.53 24.18
C LYS E 13 -14.23 -31.39 24.10
N PRO E 14 -13.15 -31.02 24.80
CA PRO E 14 -11.97 -31.87 24.87
C PRO E 14 -12.33 -33.29 25.38
N GLY E 15 -11.72 -34.34 24.80
CA GLY E 15 -11.98 -35.72 25.20
C GLY E 15 -13.22 -36.29 24.52
N SER E 16 -14.04 -35.49 23.83
CA SER E 16 -15.22 -36.01 23.08
C SER E 16 -14.72 -36.54 21.73
N SER E 17 -15.64 -37.09 20.95
CA SER E 17 -15.30 -37.54 19.57
C SER E 17 -16.25 -36.89 18.60
N VAL E 18 -15.78 -36.68 17.38
CA VAL E 18 -16.63 -36.04 16.34
C VAL E 18 -16.72 -36.99 15.16
N LYS E 19 -17.90 -37.09 14.56
CA LYS E 19 -18.08 -37.82 13.29
C LYS E 19 -18.46 -36.76 12.24
N VAL E 20 -17.58 -36.53 11.26
CA VAL E 20 -17.86 -35.62 10.12
C VAL E 20 -18.35 -36.46 8.94
N SER E 21 -19.40 -35.98 8.31
CA SER E 21 -20.05 -36.66 7.18
C SER E 21 -19.74 -35.87 5.91
N CYS E 22 -19.66 -36.57 4.79
CA CYS E 22 -19.41 -36.07 3.43
C CYS E 22 -20.39 -36.79 2.47
N LYS E 23 -21.42 -36.09 1.99
CA LYS E 23 -22.49 -36.69 1.13
C LYS E 23 -22.32 -36.20 -0.31
N ALA E 24 -22.20 -37.11 -1.25
CA ALA E 24 -22.08 -36.81 -2.69
C ALA E 24 -23.48 -36.72 -3.31
N SER E 25 -23.72 -35.72 -4.14
CA SER E 25 -24.87 -35.65 -5.05
C SER E 25 -24.35 -35.35 -6.45
N GLY E 26 -25.17 -35.59 -7.47
CA GLY E 26 -24.83 -35.40 -8.89
C GLY E 26 -23.78 -36.39 -9.34
N GLY E 27 -23.62 -37.51 -8.64
CA GLY E 27 -22.55 -38.50 -8.86
C GLY E 27 -22.41 -39.42 -7.65
N THR E 28 -21.43 -40.32 -7.74
CA THR E 28 -21.15 -41.28 -6.64
C THR E 28 -19.64 -41.37 -6.45
N PHE E 29 -19.19 -42.06 -5.39
CA PHE E 29 -17.75 -42.21 -5.11
C PHE E 29 -17.19 -43.41 -5.87
N ASN E 30 -18.05 -44.10 -6.61
CA ASN E 30 -17.62 -45.27 -7.40
C ASN E 30 -16.64 -44.78 -8.47
N THR E 31 -15.50 -45.44 -8.65
CA THR E 31 -14.41 -45.02 -9.60
C THR E 31 -13.50 -43.97 -8.98
N TYR E 32 -13.71 -43.64 -7.70
CA TYR E 32 -12.91 -42.59 -7.04
C TYR E 32 -12.32 -43.04 -5.70
N SER E 33 -11.25 -42.40 -5.27
CA SER E 33 -10.71 -42.60 -3.91
C SER E 33 -11.30 -41.44 -3.11
N LEU E 34 -11.44 -41.57 -1.80
CA LEU E 34 -11.98 -40.48 -0.93
C LEU E 34 -10.99 -40.26 0.21
N SER E 35 -10.51 -39.04 0.38
CA SER E 35 -9.58 -38.69 1.45
C SER E 35 -10.21 -37.70 2.43
N TRP E 36 -9.73 -37.70 3.68
CA TRP E 36 -10.05 -36.66 4.70
C TRP E 36 -8.76 -35.92 5.02
N VAL E 37 -8.83 -34.60 4.87
CA VAL E 37 -7.66 -33.67 4.93
C VAL E 37 -8.00 -32.63 5.97
N ARG E 38 -7.07 -32.36 6.88
CA ARG E 38 -7.31 -31.27 7.86
C ARG E 38 -6.34 -30.11 7.65
N GLN E 39 -6.78 -28.91 8.04
CA GLN E 39 -5.91 -27.71 7.98
C GLN E 39 -6.17 -26.95 9.26
N ALA E 40 -5.23 -27.01 10.18
CA ALA E 40 -5.33 -26.24 11.43
C ALA E 40 -5.13 -24.77 11.07
N PRO E 41 -5.63 -23.81 11.88
CA PRO E 41 -5.56 -22.40 11.50
C PRO E 41 -4.12 -21.94 11.26
N GLY E 42 -3.88 -21.31 10.09
CA GLY E 42 -2.53 -20.81 9.74
C GLY E 42 -1.53 -21.91 9.42
N GLN E 43 -1.98 -23.15 9.22
CA GLN E 43 -1.06 -24.29 9.01
C GLN E 43 -1.28 -24.91 7.63
N GLY E 44 -0.47 -25.90 7.30
CA GLY E 44 -0.58 -26.59 6.01
C GLY E 44 -1.63 -27.68 5.97
N LEU E 45 -1.86 -28.25 4.79
CA LEU E 45 -2.81 -29.37 4.65
C LEU E 45 -2.20 -30.65 5.23
N GLU E 46 -3.04 -31.43 5.92
CA GLU E 46 -2.57 -32.72 6.51
C GLU E 46 -3.51 -33.86 6.10
N TRP E 47 -2.97 -34.90 5.47
CA TRP E 47 -3.74 -36.06 5.06
C TRP E 47 -4.04 -36.91 6.30
N MET E 48 -5.31 -37.03 6.70
CA MET E 48 -5.65 -37.90 7.85
C MET E 48 -5.74 -39.36 7.38
N GLY E 49 -6.35 -39.58 6.22
CA GLY E 49 -6.61 -40.94 5.75
C GLY E 49 -7.53 -40.92 4.56
N GLY E 50 -7.78 -42.10 4.01
CA GLY E 50 -8.60 -42.27 2.80
C GLY E 50 -9.05 -43.71 2.67
N ILE E 51 -9.79 -43.99 1.61
CA ILE E 51 -10.55 -45.24 1.43
C ILE E 51 -10.97 -45.30 -0.03
N ILE E 52 -11.10 -46.52 -0.57
CA ILE E 52 -11.70 -46.76 -1.89
C ILE E 52 -13.09 -47.30 -1.52
N PRO E 53 -14.15 -46.44 -1.50
CA PRO E 53 -15.46 -46.84 -0.96
C PRO E 53 -15.96 -48.13 -1.60
N ASN E 54 -16.39 -49.06 -0.75
CA ASN E 54 -16.98 -50.36 -1.09
C ASN E 54 -15.92 -51.34 -1.55
N PHE E 55 -14.62 -50.97 -1.65
CA PHE E 55 -13.58 -51.95 -2.03
C PHE E 55 -12.58 -52.15 -0.90
N GLY E 56 -12.56 -51.27 0.12
CA GLY E 56 -11.47 -51.25 1.14
C GLY E 56 -11.92 -50.60 2.42
N ARG E 57 -11.14 -50.79 3.50
CA ARG E 57 -11.33 -50.09 4.79
C ARG E 57 -10.44 -48.84 4.81
N GLY E 58 -10.61 -48.05 5.84
CA GLY E 58 -9.81 -46.87 6.15
C GLY E 58 -8.34 -47.16 6.04
N ASN E 59 -7.62 -46.24 5.44
CA ASN E 59 -6.14 -46.17 5.45
C ASN E 59 -5.82 -44.91 6.26
N TYR E 60 -4.88 -44.95 7.20
CA TYR E 60 -4.63 -43.84 8.14
C TYR E 60 -3.16 -43.45 8.10
N ALA E 61 -2.90 -42.14 8.24
CA ALA E 61 -1.58 -41.58 8.53
C ALA E 61 -1.19 -42.12 9.90
N GLN E 62 0.04 -42.61 10.08
CA GLN E 62 0.51 -43.16 11.38
C GLN E 62 0.17 -42.18 12.50
N LYS E 63 0.42 -40.89 12.28
CA LYS E 63 0.06 -39.82 13.25
C LYS E 63 -1.36 -40.03 13.80
N PHE E 64 -2.30 -40.51 13.00
CA PHE E 64 -3.74 -40.62 13.35
C PHE E 64 -4.23 -42.07 13.56
N GLN E 65 -3.39 -43.08 13.28
CA GLN E 65 -3.75 -44.50 13.54
C GLN E 65 -4.30 -44.64 14.96
N GLY E 66 -5.43 -45.34 15.10
CA GLY E 66 -6.04 -45.65 16.41
C GLY E 66 -6.93 -44.54 16.94
N ARG E 67 -6.98 -43.39 16.31
CA ARG E 67 -7.83 -42.25 16.74
C ARG E 67 -8.79 -41.85 15.61
N VAL E 68 -8.47 -42.22 14.38
CA VAL E 68 -9.32 -41.87 13.21
C VAL E 68 -9.98 -43.12 12.63
N THR E 69 -11.29 -43.08 12.43
CA THR E 69 -11.96 -44.18 11.72
C THR E 69 -12.61 -43.59 10.47
N ILE E 70 -12.36 -44.19 9.30
CA ILE E 70 -12.96 -43.70 8.03
C ILE E 70 -13.80 -44.80 7.40
N THR E 71 -15.04 -44.49 7.06
CA THR E 71 -15.99 -45.47 6.49
C THR E 71 -16.69 -44.78 5.32
N ALA E 72 -17.05 -45.53 4.28
CA ALA E 72 -17.70 -45.00 3.08
C ALA E 72 -18.55 -46.07 2.40
N ASP E 73 -19.60 -45.62 1.71
CA ASP E 73 -20.40 -46.47 0.79
C ASP E 73 -20.36 -45.63 -0.50
N GLU E 74 -21.31 -45.77 -1.44
CA GLU E 74 -21.17 -45.00 -2.71
C GLU E 74 -21.68 -43.56 -2.62
N SER E 75 -22.41 -43.18 -1.56
CA SER E 75 -23.03 -41.82 -1.51
C SER E 75 -22.67 -41.05 -0.24
N SER E 76 -22.06 -41.69 0.75
CA SER E 76 -21.80 -41.09 2.07
C SER E 76 -20.43 -41.57 2.54
N ALA E 77 -19.61 -40.66 3.05
CA ALA E 77 -18.34 -41.00 3.71
C ALA E 77 -18.29 -40.29 5.06
N TYR E 78 -17.60 -40.90 6.00
CA TYR E 78 -17.56 -40.42 7.39
C TYR E 78 -16.14 -40.46 7.87
N MET E 79 -15.79 -39.46 8.67
CA MET E 79 -14.53 -39.51 9.42
C MET E 79 -14.86 -39.34 10.89
N GLU E 80 -14.45 -40.28 11.72
CA GLU E 80 -14.61 -40.13 13.18
C GLU E 80 -13.22 -39.93 13.80
N LEU E 81 -13.07 -38.85 14.58
CA LEU E 81 -11.83 -38.52 15.36
C LEU E 81 -12.17 -38.57 16.86
N SER E 82 -11.54 -39.45 17.61
CA SER E 82 -11.80 -39.59 19.05
C SER E 82 -10.71 -38.90 19.87
N SER E 83 -10.99 -38.79 21.19
CA SER E 83 -10.06 -38.18 22.18
C SER E 83 -9.62 -36.81 21.71
N LEU E 84 -10.61 -35.95 21.45
CA LEU E 84 -10.30 -34.62 20.87
C LEU E 84 -9.51 -33.75 21.83
N ARG E 85 -8.59 -32.97 21.29
CA ARG E 85 -7.77 -32.04 22.07
C ARG E 85 -7.77 -30.71 21.32
N SER E 86 -7.45 -29.61 22.00
CA SER E 86 -7.39 -28.27 21.37
C SER E 86 -6.58 -28.33 20.08
N GLU E 87 -5.56 -29.17 20.02
CA GLU E 87 -4.68 -29.22 18.82
C GLU E 87 -5.44 -29.77 17.62
N ASP E 88 -6.62 -30.36 17.81
CA ASP E 88 -7.41 -30.92 16.70
C ASP E 88 -8.32 -29.84 16.11
N THR E 89 -8.39 -28.65 16.67
CA THR E 89 -9.16 -27.56 16.06
C THR E 89 -8.65 -27.39 14.63
N ALA E 90 -9.51 -27.51 13.64
CA ALA E 90 -9.14 -27.43 12.22
C ALA E 90 -10.37 -27.39 11.35
N VAL E 91 -10.17 -27.04 10.10
CA VAL E 91 -11.15 -27.25 9.01
C VAL E 91 -10.86 -28.67 8.51
N TYR E 92 -11.89 -29.51 8.50
CA TYR E 92 -11.75 -30.88 8.00
C TYR E 92 -12.42 -30.91 6.62
N TYR E 93 -11.69 -31.43 5.64
CA TYR E 93 -12.24 -31.47 4.27
C TYR E 93 -12.35 -32.90 3.75
N CYS E 94 -13.41 -33.17 3.01
CA CYS E 94 -13.47 -34.47 2.31
C CYS E 94 -13.11 -34.17 0.85
N ALA E 95 -12.27 -35.01 0.26
CA ALA E 95 -11.82 -34.79 -1.12
C ALA E 95 -11.81 -36.09 -1.94
N THR E 96 -12.28 -36.00 -3.18
CA THR E 96 -12.29 -37.18 -4.07
C THR E 96 -11.20 -37.04 -5.12
N PHE E 97 -10.68 -38.16 -5.58
CA PHE E 97 -9.71 -38.18 -6.68
C PHE E 97 -10.05 -39.42 -7.50
N ARG E 98 -10.04 -39.31 -8.82
CA ARG E 98 -10.39 -40.45 -9.69
C ARG E 98 -9.32 -41.54 -9.60
N LEU E 99 -9.74 -42.80 -9.57
CA LEU E 99 -8.76 -43.89 -9.61
C LEU E 99 -7.96 -43.76 -10.90
N THR E 100 -6.72 -44.24 -10.90
CA THR E 100 -5.80 -43.96 -12.04
C THR E 100 -6.21 -44.69 -13.31
N GLY E 101 -7.10 -45.70 -13.25
CA GLY E 101 -7.48 -46.43 -14.46
C GLY E 101 -8.60 -45.76 -15.25
N TYR E 102 -9.10 -44.61 -14.81
CA TYR E 102 -10.19 -43.82 -15.43
C TYR E 102 -9.56 -42.48 -15.88
N SER E 103 -10.18 -41.79 -16.83
CA SER E 103 -9.74 -40.43 -17.28
C SER E 103 -10.29 -39.34 -16.37
N GLY E 104 -9.62 -38.19 -16.41
CA GLY E 104 -10.02 -37.07 -15.58
C GLY E 104 -9.44 -37.16 -14.18
N SER E 105 -9.37 -36.03 -13.52
CA SER E 105 -8.83 -35.90 -12.15
C SER E 105 -9.85 -36.47 -11.18
N GLY E 106 -11.14 -36.27 -11.48
CA GLY E 106 -12.25 -36.53 -10.57
C GLY E 106 -12.04 -35.86 -9.23
N SER E 107 -11.37 -34.69 -9.23
CA SER E 107 -11.00 -33.94 -8.02
C SER E 107 -12.16 -33.04 -7.58
N TYR E 108 -12.77 -33.34 -6.45
CA TYR E 108 -13.85 -32.56 -5.83
C TYR E 108 -13.52 -32.47 -4.34
N TRP E 109 -13.80 -31.30 -3.77
CA TRP E 109 -13.60 -30.95 -2.35
C TRP E 109 -14.95 -30.55 -1.79
N GLY E 110 -15.26 -31.05 -0.61
CA GLY E 110 -16.27 -30.46 0.29
C GLY E 110 -15.94 -29.01 0.63
N GLN E 111 -16.90 -28.34 1.23
CA GLN E 111 -16.79 -26.94 1.64
C GLN E 111 -15.97 -26.87 2.93
N GLY E 112 -15.67 -28.00 3.56
CA GLY E 112 -14.93 -28.00 4.82
C GLY E 112 -15.80 -27.86 6.05
N THR E 113 -15.38 -28.50 7.13
CA THR E 113 -16.12 -28.44 8.41
C THR E 113 -15.15 -27.94 9.48
N LEU E 114 -15.46 -26.80 10.08
CA LEU E 114 -14.57 -26.24 11.12
C LEU E 114 -14.95 -26.86 12.45
N VAL E 115 -14.06 -27.69 12.97
CA VAL E 115 -14.31 -28.30 14.31
C VAL E 115 -13.48 -27.51 15.31
N THR E 116 -14.15 -26.86 16.25
CA THR E 116 -13.45 -26.09 17.29
C THR E 116 -13.50 -26.90 18.59
N VAL E 117 -12.32 -27.30 19.07
CA VAL E 117 -12.26 -28.04 20.36
C VAL E 117 -12.07 -27.01 21.47
N SER E 118 -13.09 -26.83 22.29
CA SER E 118 -13.07 -25.82 23.37
C SER E 118 -14.04 -26.25 24.47
N SER E 119 -13.84 -25.74 25.68
CA SER E 119 -14.79 -26.00 26.79
C SER E 119 -15.87 -24.93 26.77
N ALA E 120 -15.70 -23.90 25.92
CA ALA E 120 -16.66 -22.79 25.85
C ALA E 120 -17.90 -23.19 25.08
N SER E 121 -19.05 -22.72 25.54
CA SER E 121 -20.34 -23.04 24.89
C SER E 121 -20.57 -22.20 23.64
N THR E 122 -21.44 -22.67 22.76
CA THR E 122 -21.81 -21.88 21.56
C THR E 122 -22.49 -20.58 22.03
N LYS E 123 -22.18 -19.47 21.38
CA LYS E 123 -22.85 -18.19 21.71
C LYS E 123 -23.39 -17.59 20.42
N GLY E 124 -24.70 -17.34 20.39
CA GLY E 124 -25.32 -16.70 19.23
C GLY E 124 -24.99 -15.23 19.15
N PRO E 125 -24.89 -14.65 17.95
CA PRO E 125 -24.58 -13.25 17.78
C PRO E 125 -25.68 -12.26 18.15
N SER E 126 -25.30 -11.10 18.66
CA SER E 126 -26.29 -10.01 18.86
C SER E 126 -26.16 -9.15 17.59
N VAL E 127 -27.26 -8.84 16.92
CA VAL E 127 -27.16 -8.14 15.61
C VAL E 127 -27.63 -6.69 15.74
N PHE E 128 -26.80 -5.75 15.29
CA PHE E 128 -27.13 -4.31 15.41
C PHE E 128 -27.11 -3.67 14.02
N PRO E 129 -28.11 -2.84 13.66
CA PRO E 129 -28.11 -2.13 12.39
C PRO E 129 -27.12 -0.97 12.29
N LEU E 130 -26.40 -0.88 11.17
CA LEU E 130 -25.48 0.26 10.91
C LEU E 130 -26.24 1.19 9.96
N ALA E 131 -26.90 2.22 10.49
CA ALA E 131 -27.84 3.09 9.77
C ALA E 131 -27.10 3.81 8.64
N PRO E 132 -27.70 3.89 7.43
CA PRO E 132 -27.07 4.58 6.31
C PRO E 132 -26.62 6.01 6.63
N SER E 133 -25.44 6.38 6.15
CA SER E 133 -24.89 7.74 6.37
C SER E 133 -24.19 8.20 5.09
N GLY E 139 -21.05 11.97 -4.43
CA GLY E 139 -21.59 11.30 -5.64
C GLY E 139 -22.71 10.31 -5.32
N GLY E 140 -23.72 10.75 -4.55
CA GLY E 140 -25.01 10.06 -4.33
C GLY E 140 -24.89 8.58 -3.97
N THR E 141 -23.92 8.19 -3.14
CA THR E 141 -23.72 6.80 -2.64
C THR E 141 -23.88 6.76 -1.12
N ALA E 142 -24.46 5.68 -0.60
CA ALA E 142 -24.63 5.45 0.86
C ALA E 142 -24.16 4.04 1.23
N ALA E 143 -23.65 3.94 2.44
CA ALA E 143 -23.10 2.74 3.10
C ALA E 143 -23.99 2.46 4.30
N LEU E 144 -24.48 1.23 4.37
CA LEU E 144 -25.31 0.75 5.48
C LEU E 144 -24.91 -0.70 5.79
N GLY E 145 -25.14 -1.12 7.02
CA GLY E 145 -24.67 -2.45 7.40
C GLY E 145 -25.38 -3.07 8.59
N CYS E 146 -24.82 -4.18 9.03
CA CYS E 146 -25.05 -4.61 10.42
C CYS E 146 -23.78 -5.19 11.01
N LEU E 147 -23.73 -4.99 12.30
CA LEU E 147 -22.70 -5.47 13.22
C LEU E 147 -23.21 -6.77 13.84
N VAL E 148 -22.45 -7.82 13.62
CA VAL E 148 -22.69 -9.19 14.15
C VAL E 148 -21.69 -9.36 15.30
N LYS E 149 -22.20 -9.08 16.49
CA LYS E 149 -21.30 -8.98 17.65
C LYS E 149 -21.36 -10.11 18.66
N ASP E 150 -20.20 -10.49 19.23
CA ASP E 150 -20.14 -11.47 20.33
C ASP E 150 -20.72 -12.83 19.95
N TYR E 151 -20.02 -13.57 19.09
CA TYR E 151 -20.47 -14.93 18.70
C TYR E 151 -19.31 -15.92 18.80
N PHE E 152 -19.61 -17.16 19.19
CA PHE E 152 -18.59 -18.23 19.22
C PHE E 152 -19.30 -19.55 18.85
N PRO E 153 -18.69 -20.44 18.05
CA PRO E 153 -17.45 -20.14 17.34
C PRO E 153 -17.73 -19.65 15.91
N GLU E 154 -16.70 -19.59 15.08
CA GLU E 154 -16.91 -19.26 13.65
C GLU E 154 -17.48 -20.51 12.97
N PRO E 155 -18.22 -20.40 11.85
CA PRO E 155 -18.46 -19.13 11.19
C PRO E 155 -19.87 -18.54 11.32
N VAL E 156 -20.06 -17.35 10.74
CA VAL E 156 -21.41 -16.73 10.70
C VAL E 156 -21.66 -16.46 9.21
N THR E 157 -22.90 -16.56 8.74
CA THR E 157 -23.21 -16.22 7.35
C THR E 157 -24.09 -14.97 7.35
N VAL E 158 -23.83 -14.06 6.42
CA VAL E 158 -24.69 -12.84 6.32
C VAL E 158 -25.23 -12.73 4.89
N SER E 159 -26.51 -12.37 4.77
CA SER E 159 -27.12 -12.14 3.44
C SER E 159 -28.01 -10.90 3.58
N TRP E 160 -28.37 -10.29 2.45
CA TRP E 160 -29.26 -9.10 2.48
C TRP E 160 -30.56 -9.38 1.72
N ASN E 161 -31.70 -8.93 2.26
CA ASN E 161 -33.04 -9.10 1.62
C ASN E 161 -33.21 -10.55 1.10
N SER E 162 -32.71 -11.52 1.87
CA SER E 162 -32.86 -13.00 1.72
C SER E 162 -32.10 -13.56 0.50
N GLY E 163 -30.99 -12.93 0.14
CA GLY E 163 -30.14 -13.30 -1.00
C GLY E 163 -30.48 -12.48 -2.22
N ALA E 164 -31.48 -11.59 -2.14
CA ALA E 164 -31.97 -10.75 -3.27
C ALA E 164 -30.94 -9.64 -3.58
N LEU E 165 -30.30 -9.08 -2.54
CA LEU E 165 -29.25 -8.02 -2.67
C LEU E 165 -27.86 -8.63 -2.48
N THR E 166 -27.09 -8.76 -3.57
CA THR E 166 -25.71 -9.32 -3.54
C THR E 166 -24.73 -8.24 -4.02
N SER E 167 -25.19 -7.31 -4.85
CA SER E 167 -24.33 -6.28 -5.49
C SER E 167 -24.11 -5.10 -4.55
N GLY E 168 -22.86 -4.63 -4.45
CA GLY E 168 -22.45 -3.61 -3.48
C GLY E 168 -22.26 -4.19 -2.07
N VAL E 169 -22.34 -5.52 -1.85
CA VAL E 169 -22.32 -6.13 -0.48
C VAL E 169 -20.88 -6.50 -0.13
N HIS E 170 -20.38 -6.02 1.01
CA HIS E 170 -19.04 -6.38 1.53
C HIS E 170 -19.16 -6.87 2.98
N THR E 171 -18.85 -8.14 3.20
CA THR E 171 -18.80 -8.77 4.55
C THR E 171 -17.32 -8.86 4.95
N PHE E 172 -16.93 -8.25 6.06
CA PHE E 172 -15.52 -8.19 6.53
C PHE E 172 -15.23 -9.41 7.37
N PRO E 173 -13.98 -9.95 7.31
CA PRO E 173 -13.57 -11.00 8.21
C PRO E 173 -13.71 -10.54 9.67
N ALA E 174 -13.88 -11.51 10.56
CA ALA E 174 -14.15 -11.18 11.97
C ALA E 174 -12.94 -10.76 12.78
N VAL E 175 -13.22 -10.09 13.89
CA VAL E 175 -12.17 -9.73 14.87
C VAL E 175 -12.41 -10.63 16.09
N LEU E 176 -11.35 -11.06 16.76
CA LEU E 176 -11.48 -11.86 18.01
C LEU E 176 -11.15 -10.97 19.20
N GLN E 177 -12.10 -10.76 20.09
CA GLN E 177 -11.90 -9.94 21.31
C GLN E 177 -11.25 -10.79 22.42
N SER E 178 -10.79 -10.16 23.51
CA SER E 178 -10.15 -10.86 24.65
C SER E 178 -11.16 -11.81 25.31
N SER E 179 -12.44 -11.52 25.14
CA SER E 179 -13.52 -12.38 25.67
C SER E 179 -13.48 -13.76 24.99
N GLY E 180 -12.78 -13.90 23.87
CA GLY E 180 -12.79 -15.15 23.09
C GLY E 180 -13.95 -15.13 22.11
N LEU E 181 -14.72 -14.05 22.10
CA LEU E 181 -15.89 -13.93 21.21
C LEU E 181 -15.49 -13.17 19.95
N TYR E 182 -16.14 -13.50 18.83
CA TYR E 182 -15.83 -12.86 17.53
C TYR E 182 -16.90 -11.83 17.18
N SER E 183 -16.54 -10.86 16.36
CA SER E 183 -17.53 -9.87 15.87
C SER E 183 -17.17 -9.54 14.42
N LEU E 184 -18.16 -9.38 13.55
CA LEU E 184 -17.91 -9.01 12.13
C LEU E 184 -18.94 -8.00 11.64
N SER E 185 -18.64 -7.37 10.51
CA SER E 185 -19.58 -6.39 9.93
C SER E 185 -19.80 -6.63 8.43
N SER E 186 -21.02 -6.47 7.95
CA SER E 186 -21.40 -6.57 6.53
C SER E 186 -21.97 -5.23 6.12
N VAL E 187 -21.50 -4.72 5.00
CA VAL E 187 -21.82 -3.36 4.48
C VAL E 187 -22.37 -3.45 3.07
N VAL E 188 -23.45 -2.73 2.82
CA VAL E 188 -24.02 -2.59 1.45
C VAL E 188 -23.84 -1.14 1.04
N THR E 189 -23.25 -0.94 -0.14
CA THR E 189 -23.16 0.36 -0.85
C THR E 189 -24.29 0.46 -1.87
N VAL E 190 -25.12 1.50 -1.76
CA VAL E 190 -26.39 1.69 -2.53
C VAL E 190 -26.48 3.15 -2.96
N PRO E 191 -27.29 3.48 -3.99
CA PRO E 191 -27.54 4.89 -4.33
C PRO E 191 -28.31 5.53 -3.17
N SER E 192 -27.99 6.77 -2.81
CA SER E 192 -28.70 7.58 -1.78
C SER E 192 -30.19 7.69 -2.14
N SER E 193 -30.55 7.76 -3.44
CA SER E 193 -31.93 7.87 -3.96
C SER E 193 -32.77 6.60 -3.66
N SER E 194 -32.13 5.44 -3.59
CA SER E 194 -32.77 4.13 -3.32
C SER E 194 -33.07 3.97 -1.82
N LEU E 195 -32.57 4.86 -0.96
CA LEU E 195 -32.81 4.80 0.52
C LEU E 195 -34.27 5.08 0.82
N GLY E 196 -34.88 6.04 0.12
CA GLY E 196 -36.30 6.43 0.30
C GLY E 196 -37.27 5.36 -0.16
N THR E 197 -36.82 4.43 -1.02
CA THR E 197 -37.69 3.62 -1.91
C THR E 197 -37.36 2.11 -1.89
N GLN E 198 -36.30 1.68 -1.22
CA GLN E 198 -36.02 0.22 -1.04
C GLN E 198 -35.79 0.01 0.47
N THR E 199 -36.12 -1.20 0.98
CA THR E 199 -35.86 -1.63 2.37
C THR E 199 -34.66 -2.58 2.35
N TYR E 200 -33.88 -2.54 3.44
CA TYR E 200 -32.65 -3.34 3.66
C TYR E 200 -32.83 -4.10 4.98
N ILE E 201 -32.71 -5.43 4.90
CA ILE E 201 -32.67 -6.36 6.08
C ILE E 201 -31.43 -7.21 5.89
N CYS E 202 -30.61 -7.38 6.92
CA CYS E 202 -29.49 -8.35 6.86
C CYS E 202 -29.90 -9.65 7.56
N ASN E 203 -29.59 -10.77 6.93
CA ASN E 203 -30.00 -12.09 7.46
C ASN E 203 -28.72 -12.73 8.00
N VAL E 204 -28.65 -12.91 9.31
CA VAL E 204 -27.44 -13.48 9.93
C VAL E 204 -27.75 -14.91 10.35
N ASN E 205 -26.99 -15.86 9.82
CA ASN E 205 -27.18 -17.27 10.24
C ASN E 205 -25.95 -17.77 11.00
N HIS E 206 -26.09 -18.00 12.30
CA HIS E 206 -25.01 -18.65 13.07
C HIS E 206 -25.45 -20.09 13.31
N LYS E 207 -25.08 -21.00 12.40
CA LYS E 207 -25.50 -22.42 12.49
C LYS E 207 -24.96 -23.13 13.74
N PRO E 208 -23.72 -22.92 14.23
CA PRO E 208 -23.24 -23.66 15.40
C PRO E 208 -24.16 -23.44 16.61
N SER E 209 -24.72 -22.25 16.76
CA SER E 209 -25.68 -21.99 17.86
C SER E 209 -27.11 -22.19 17.38
N ASN E 210 -27.30 -22.54 16.10
CA ASN E 210 -28.66 -22.66 15.50
C ASN E 210 -29.42 -21.34 15.71
N THR E 211 -28.72 -20.21 15.57
CA THR E 211 -29.36 -18.87 15.76
C THR E 211 -29.51 -18.20 14.40
N LYS E 212 -30.70 -17.70 14.09
CA LYS E 212 -30.89 -16.94 12.83
C LYS E 212 -31.50 -15.59 13.20
N VAL E 213 -30.92 -14.49 12.69
CA VAL E 213 -31.40 -13.13 13.05
C VAL E 213 -31.57 -12.28 11.80
N ASP E 214 -32.70 -11.59 11.66
CA ASP E 214 -32.96 -10.66 10.53
C ASP E 214 -33.15 -9.28 11.14
N LYS E 215 -32.39 -8.29 10.65
CA LYS E 215 -32.42 -6.93 11.22
C LYS E 215 -32.70 -5.90 10.13
N LYS E 216 -33.66 -5.03 10.43
CA LYS E 216 -34.03 -3.94 9.50
C LYS E 216 -33.03 -2.80 9.71
N VAL E 217 -32.43 -2.35 8.62
CA VAL E 217 -31.46 -1.23 8.64
C VAL E 217 -32.12 -0.06 7.91
N GLU E 218 -32.58 0.96 8.68
CA GLU E 218 -33.36 2.14 8.20
C GLU E 218 -32.55 3.43 8.36
N PRO E 219 -32.84 4.47 7.53
CA PRO E 219 -32.06 5.70 7.50
C PRO E 219 -31.76 6.47 8.80
N LYS E 220 -32.65 6.39 9.79
CA LYS E 220 -32.54 7.19 11.04
C LYS E 220 -32.81 8.68 10.74
N ASP F 1 31.03 36.81 35.05
CA ASP F 1 31.27 35.49 35.73
C ASP F 1 31.63 34.42 34.69
N GLN F 2 31.92 33.21 35.17
CA GLN F 2 32.12 32.02 34.32
C GLN F 2 30.82 31.79 33.52
N VAL F 3 30.94 31.56 32.21
CA VAL F 3 29.76 31.22 31.37
C VAL F 3 30.01 29.82 30.82
N ASP F 4 28.95 29.13 30.40
CA ASP F 4 28.98 27.75 29.84
C ASP F 4 29.23 27.80 28.34
N VAL F 5 30.19 26.99 27.89
CA VAL F 5 30.48 26.86 26.45
C VAL F 5 30.60 25.36 26.19
N LYS F 6 30.52 24.95 24.93
CA LYS F 6 30.65 23.52 24.58
C LYS F 6 32.00 23.30 23.90
N ASP F 7 32.82 22.40 24.44
CA ASP F 7 34.17 22.14 23.87
C ASP F 7 34.06 21.33 22.58
N CYS F 8 34.71 21.81 21.51
CA CYS F 8 34.71 21.08 20.22
C CYS F 8 36.11 20.50 19.96
N ALA F 9 36.91 20.36 21.01
CA ALA F 9 38.28 19.83 20.85
C ALA F 9 38.58 18.76 21.91
N ASN F 10 39.55 18.99 22.80
CA ASN F 10 39.87 18.02 23.88
C ASN F 10 39.92 18.71 25.25
N HIS F 11 38.96 19.59 25.55
CA HIS F 11 38.86 20.23 26.89
C HIS F 11 40.13 21.02 27.24
N GLU F 12 40.77 21.67 26.26
CA GLU F 12 41.93 22.57 26.51
C GLU F 12 41.40 23.84 27.20
N ILE F 13 40.20 24.34 26.86
CA ILE F 13 39.65 25.55 27.53
C ILE F 13 39.20 25.17 28.94
N LYS F 14 39.74 25.81 29.97
CA LYS F 14 39.43 25.52 31.40
C LYS F 14 38.25 26.38 31.85
N LYS F 15 38.15 27.62 31.38
CA LYS F 15 37.14 28.62 31.82
C LYS F 15 36.95 29.67 30.72
N VAL F 16 35.73 30.14 30.58
CA VAL F 16 35.41 31.35 29.79
C VAL F 16 34.68 32.29 30.74
N LEU F 17 35.15 33.54 30.87
CA LEU F 17 34.53 34.60 31.72
C LEU F 17 33.97 35.71 30.82
N VAL F 18 32.81 36.23 31.22
CA VAL F 18 32.17 37.42 30.62
C VAL F 18 31.54 38.21 31.77
N PRO F 19 32.17 39.36 32.14
CA PRO F 19 31.56 40.31 33.07
C PRO F 19 30.11 40.60 32.74
N GLY F 20 29.21 40.48 33.72
CA GLY F 20 27.78 40.72 33.55
C GLY F 20 27.01 39.51 33.02
N CYS F 21 27.67 38.37 32.77
CA CYS F 21 26.98 37.11 32.33
C CYS F 21 27.39 35.97 33.25
N HIS F 22 26.55 34.92 33.29
CA HIS F 22 26.75 33.82 34.25
C HIS F 22 26.21 32.47 33.75
N GLY F 23 27.02 31.42 33.82
CA GLY F 23 26.62 30.03 33.54
C GLY F 23 25.97 29.91 32.18
N SER F 24 24.78 29.34 32.14
CA SER F 24 24.06 29.13 30.86
C SER F 24 22.83 30.07 30.78
N GLU F 25 22.75 31.10 31.61
CA GLU F 25 21.73 32.18 31.47
C GLU F 25 21.94 32.93 30.15
N PRO F 26 20.88 33.48 29.50
CA PRO F 26 21.08 34.35 28.35
C PRO F 26 22.15 35.42 28.66
N CYS F 27 23.15 35.54 27.77
CA CYS F 27 24.23 36.56 27.93
C CYS F 27 23.96 37.68 26.94
N ILE F 28 23.49 38.82 27.43
CA ILE F 28 23.07 39.90 26.50
C ILE F 28 24.28 40.65 25.96
N ILE F 29 24.41 40.73 24.64
CA ILE F 29 25.50 41.52 24.01
C ILE F 29 24.81 42.81 23.57
N HIS F 30 25.21 43.95 24.14
CA HIS F 30 24.51 45.23 23.85
C HIS F 30 25.13 45.93 22.65
N ARG F 31 24.30 46.38 21.73
CA ARG F 31 24.77 47.06 20.51
C ARG F 31 25.47 48.37 20.89
N GLY F 32 26.58 48.69 20.23
CA GLY F 32 27.28 49.96 20.47
C GLY F 32 28.00 49.96 21.80
N LYS F 33 28.10 48.81 22.45
CA LYS F 33 28.74 48.73 23.77
C LYS F 33 29.93 47.78 23.68
N PRO F 34 31.01 48.00 24.46
CA PRO F 34 32.12 47.08 24.46
C PRO F 34 31.75 45.75 25.15
N PHE F 35 32.28 44.65 24.66
CA PHE F 35 31.98 43.32 25.26
C PHE F 35 33.30 42.66 25.69
N GLN F 36 33.42 42.35 26.98
CA GLN F 36 34.69 41.82 27.50
C GLN F 36 34.64 40.31 27.67
N LEU F 37 35.65 39.61 27.17
CA LEU F 37 35.73 38.14 27.28
C LEU F 37 37.10 37.71 27.81
N GLU F 38 37.14 36.68 28.64
CA GLU F 38 38.43 36.13 29.14
C GLU F 38 38.38 34.62 28.98
N ALA F 39 39.44 34.02 28.47
CA ALA F 39 39.50 32.56 28.38
C ALA F 39 40.79 32.06 29.03
N LEU F 40 40.70 30.97 29.79
CA LEU F 40 41.92 30.34 30.33
C LEU F 40 42.03 28.96 29.69
N PHE F 41 43.20 28.63 29.14
CA PHE F 41 43.35 27.34 28.43
C PHE F 41 44.75 26.75 28.65
N GLU F 42 44.88 25.44 28.50
CA GLU F 42 46.15 24.70 28.63
C GLU F 42 46.64 24.36 27.23
N ALA F 43 47.87 24.70 26.91
CA ALA F 43 48.48 24.35 25.62
C ALA F 43 48.56 22.82 25.52
N ASN F 44 48.08 22.21 24.42
CA ASN F 44 48.08 20.73 24.19
C ASN F 44 49.28 20.37 23.28
N GLN F 45 50.19 21.33 23.04
CA GLN F 45 51.32 21.18 22.10
C GLN F 45 52.26 22.37 22.28
N ASN F 46 53.51 22.22 21.87
CA ASN F 46 54.45 23.36 21.71
C ASN F 46 54.11 23.94 20.35
N SER F 47 53.92 25.25 20.27
CA SER F 47 53.51 25.88 19.01
C SER F 47 54.07 27.29 18.97
N LYS F 48 54.73 27.63 17.87
CA LYS F 48 55.11 29.00 17.50
C LYS F 48 53.87 29.85 17.26
N THR F 49 52.77 29.25 16.77
CA THR F 49 51.61 29.94 16.16
C THR F 49 50.34 29.68 16.97
N ALA F 50 49.45 30.65 17.02
CA ALA F 50 48.06 30.47 17.46
C ALA F 50 47.18 31.36 16.60
N LYS F 51 46.46 30.74 15.66
CA LYS F 51 45.56 31.47 14.73
C LYS F 51 44.12 31.27 15.17
N ILE F 52 43.40 32.36 15.36
CA ILE F 52 42.02 32.32 15.88
C ILE F 52 41.05 32.50 14.70
N GLU F 53 40.12 31.54 14.60
CA GLU F 53 39.05 31.44 13.58
C GLU F 53 37.73 31.55 14.33
N ILE F 54 36.94 32.57 14.00
CA ILE F 54 35.60 32.85 14.58
C ILE F 54 34.59 32.63 13.47
N LYS F 55 33.67 31.68 13.68
CA LYS F 55 32.42 31.50 12.89
C LYS F 55 31.26 31.98 13.76
N ALA F 56 30.42 32.90 13.28
CA ALA F 56 29.24 33.37 14.01
C ALA F 56 28.02 33.25 13.10
N SER F 57 26.88 32.90 13.70
CA SER F 57 25.59 32.86 12.99
C SER F 57 24.52 33.55 13.81
N ILE F 58 23.65 34.18 13.03
CA ILE F 58 22.48 34.95 13.51
C ILE F 58 21.29 34.22 12.88
N ASP F 59 20.35 33.79 13.71
CA ASP F 59 19.14 33.04 13.24
C ASP F 59 19.48 31.95 12.22
N GLY F 60 20.53 31.15 12.51
CA GLY F 60 21.04 30.05 11.66
C GLY F 60 21.72 30.48 10.35
N LEU F 61 22.10 31.75 10.23
CA LEU F 61 22.80 32.24 9.01
C LEU F 61 24.15 32.87 9.39
N GLU F 62 25.22 32.46 8.72
CA GLU F 62 26.59 32.95 9.06
C GLU F 62 26.73 34.46 8.83
N VAL F 63 27.35 35.16 9.77
CA VAL F 63 27.59 36.62 9.65
C VAL F 63 29.09 36.86 9.86
N ASP F 64 29.65 37.87 9.21
CA ASP F 64 31.08 38.21 9.40
C ASP F 64 31.26 38.88 10.76
N VAL F 65 32.28 38.49 11.51
CA VAL F 65 32.57 39.16 12.81
C VAL F 65 33.72 40.13 12.59
N PRO F 66 33.48 41.45 12.58
CA PRO F 66 34.52 42.44 12.37
C PRO F 66 35.41 42.73 13.58
N GLY F 67 36.59 43.31 13.37
CA GLY F 67 37.44 43.75 14.49
C GLY F 67 38.05 42.63 15.30
N ILE F 68 38.36 41.52 14.65
CA ILE F 68 39.01 40.39 15.36
C ILE F 68 40.44 40.26 14.85
N ASP F 69 41.40 40.30 15.77
CA ASP F 69 42.81 40.06 15.39
C ASP F 69 42.98 38.54 15.24
N PRO F 70 43.30 37.98 14.07
CA PRO F 70 43.47 36.53 13.95
C PRO F 70 44.68 35.93 14.67
N ASN F 71 45.70 36.74 14.98
CA ASN F 71 46.94 36.23 15.61
C ASN F 71 46.77 36.29 17.13
N ALA F 72 46.38 35.17 17.74
CA ALA F 72 46.23 35.05 19.19
C ALA F 72 47.58 35.22 19.90
N CYS F 73 48.71 34.96 19.24
CA CYS F 73 50.07 35.21 19.81
C CYS F 73 50.30 36.70 20.14
N HIS F 74 49.49 37.62 19.62
CA HIS F 74 49.44 39.04 20.02
C HIS F 74 48.94 39.20 21.47
N TYR F 75 48.24 38.26 22.06
CA TYR F 75 47.59 38.48 23.38
C TYR F 75 48.10 37.50 24.45
N MET F 76 49.17 36.78 24.14
CA MET F 76 49.84 35.86 25.11
C MET F 76 51.27 35.61 24.64
N LYS F 77 52.10 35.01 25.50
CA LYS F 77 53.54 34.77 25.20
C LYS F 77 53.70 33.46 24.45
N CYS F 78 53.86 33.57 23.14
CA CYS F 78 54.24 32.47 22.21
C CYS F 78 55.77 32.44 22.11
N PRO F 79 56.42 31.30 21.79
CA PRO F 79 55.73 30.02 21.57
C PRO F 79 55.06 29.46 22.83
N LEU F 80 53.94 28.81 22.60
CA LEU F 80 53.24 28.07 23.66
C LEU F 80 54.08 26.84 24.07
N VAL F 81 54.05 26.55 25.38
CA VAL F 81 54.70 25.35 25.98
C VAL F 81 53.60 24.34 26.38
N LYS F 82 53.68 23.12 25.88
CA LYS F 82 52.64 22.07 26.14
C LYS F 82 52.46 21.94 27.65
N GLY F 83 51.22 22.05 28.13
CA GLY F 83 50.92 21.81 29.55
C GLY F 83 50.94 23.10 30.37
N GLN F 84 51.46 24.21 29.83
CA GLN F 84 51.32 25.52 30.49
C GLN F 84 49.97 26.19 30.15
N GLN F 85 49.49 27.00 31.08
CA GLN F 85 48.18 27.68 31.05
C GLN F 85 48.34 29.12 30.63
N TYR F 86 47.47 29.57 29.75
CA TYR F 86 47.50 30.91 29.16
C TYR F 86 46.13 31.54 29.38
N ASP F 87 46.14 32.80 29.80
CA ASP F 87 44.92 33.60 30.07
C ASP F 87 44.82 34.65 28.97
N ILE F 88 43.74 34.70 28.20
CA ILE F 88 43.65 35.70 27.10
C ILE F 88 42.42 36.57 27.40
N LYS F 89 42.62 37.89 27.38
CA LYS F 89 41.57 38.91 27.61
C LYS F 89 41.39 39.72 26.33
N TYR F 90 40.15 39.99 25.94
CA TYR F 90 39.88 40.76 24.71
C TYR F 90 38.57 41.52 24.87
N THR F 91 38.56 42.77 24.42
CA THR F 91 37.32 43.57 24.46
C THR F 91 36.86 43.71 23.00
N TRP F 92 35.67 43.20 22.70
CA TRP F 92 35.14 43.26 21.31
C TRP F 92 34.17 44.42 21.19
N ASN F 93 34.30 45.17 20.11
CA ASN F 93 33.43 46.34 19.92
C ASN F 93 32.16 45.86 19.20
N VAL F 94 31.03 46.02 19.86
CA VAL F 94 29.75 45.54 19.27
C VAL F 94 29.24 46.66 18.38
N PRO F 95 29.05 46.39 17.07
CA PRO F 95 28.52 47.40 16.18
C PRO F 95 27.17 47.94 16.67
N LYS F 96 26.95 49.25 16.52
CA LYS F 96 25.67 49.89 16.94
C LYS F 96 24.54 49.36 16.07
N ILE F 97 24.86 48.89 14.87
CA ILE F 97 23.85 48.39 13.90
C ILE F 97 23.83 46.86 13.91
N ALA F 98 24.37 46.23 14.95
CA ALA F 98 24.46 44.76 14.99
C ALA F 98 23.04 44.19 14.89
N PRO F 99 22.83 43.15 14.06
CA PRO F 99 21.49 42.55 13.89
C PRO F 99 20.97 41.94 15.20
N LYS F 100 19.86 42.47 15.71
CA LYS F 100 19.22 41.92 16.94
C LYS F 100 18.72 40.50 16.71
N SER F 101 19.08 39.57 17.59
CA SER F 101 18.77 38.13 17.44
C SER F 101 18.75 37.46 18.81
N GLU F 102 17.81 36.55 18.96
CA GLU F 102 17.66 35.65 20.11
C GLU F 102 18.25 34.27 19.75
N ASN F 103 18.96 34.12 18.64
CA ASN F 103 19.56 32.83 18.23
C ASN F 103 20.92 33.09 17.64
N VAL F 104 21.89 33.21 18.55
CA VAL F 104 23.29 33.52 18.17
C VAL F 104 24.20 32.36 18.56
N VAL F 105 25.02 31.88 17.64
CA VAL F 105 26.03 30.82 17.83
C VAL F 105 27.40 31.41 17.49
N VAL F 106 28.33 31.31 18.42
CA VAL F 106 29.73 31.77 18.19
C VAL F 106 30.61 30.55 18.40
N THR F 107 31.39 30.21 17.37
CA THR F 107 32.39 29.12 17.48
C THR F 107 33.80 29.74 17.35
N VAL F 108 34.63 29.64 18.38
CA VAL F 108 36.04 30.14 18.39
C VAL F 108 36.97 28.95 18.33
N LYS F 109 37.77 28.88 17.28
CA LYS F 109 38.74 27.80 17.07
C LYS F 109 40.15 28.44 17.00
N VAL F 110 41.07 27.97 17.83
CA VAL F 110 42.51 28.36 17.80
C VAL F 110 43.34 27.17 17.26
N MET F 111 43.97 27.36 16.11
CA MET F 111 44.81 26.37 15.40
C MET F 111 46.29 26.61 15.69
N GLY F 112 47.01 25.54 16.01
CA GLY F 112 48.45 25.62 16.34
C GLY F 112 49.31 25.06 15.21
N ASP F 113 50.60 24.87 15.46
CA ASP F 113 51.55 24.25 14.53
C ASP F 113 51.04 22.86 14.16
N ASN F 114 50.52 22.11 15.16
CA ASN F 114 50.06 20.71 14.96
C ASN F 114 48.56 20.57 15.19
N GLY F 115 47.75 21.36 14.49
CA GLY F 115 46.30 21.28 14.50
C GLY F 115 45.75 22.03 15.70
N VAL F 116 44.57 21.63 16.12
CA VAL F 116 43.73 22.45 17.02
C VAL F 116 44.37 22.58 18.40
N LEU F 117 44.45 23.83 18.85
CA LEU F 117 44.81 24.18 20.25
C LEU F 117 43.54 24.15 21.09
N ALA F 118 42.45 24.69 20.59
CA ALA F 118 41.28 24.98 21.42
C ALA F 118 40.06 25.18 20.54
N CYS F 119 38.88 24.76 21.00
CA CYS F 119 37.63 24.99 20.25
C CYS F 119 36.45 25.06 21.24
N ALA F 120 35.60 26.06 21.12
CA ALA F 120 34.41 26.23 21.99
C ALA F 120 33.29 26.83 21.17
N ILE F 121 32.06 26.44 21.49
CA ILE F 121 30.79 26.94 20.89
C ILE F 121 29.99 27.58 22.03
N ALA F 122 29.53 28.81 21.81
CA ALA F 122 28.69 29.52 22.79
C ALA F 122 27.33 29.76 22.15
N THR F 123 26.24 29.30 22.79
CA THR F 123 24.89 29.41 22.18
C THR F 123 23.96 30.29 23.01
N HIS F 124 24.44 30.89 24.11
CA HIS F 124 23.54 31.64 25.01
C HIS F 124 23.57 33.15 24.74
N ALA F 125 24.31 33.61 23.74
CA ALA F 125 24.41 35.05 23.49
C ALA F 125 23.15 35.59 22.80
N LYS F 126 22.66 36.75 23.24
CA LYS F 126 21.50 37.41 22.59
C LYS F 126 21.93 38.84 22.23
N ILE F 127 21.69 39.28 21.02
CA ILE F 127 22.09 40.68 20.65
C ILE F 127 20.85 41.55 20.82
N ARG F 128 20.96 42.56 21.68
CA ARG F 128 19.83 43.46 22.03
C ARG F 128 20.34 44.90 22.08
N ASP F 129 19.44 45.87 22.22
CA ASP F 129 19.86 47.25 22.58
C ASP F 129 20.73 47.19 23.85
S SO4 G . -11.28 32.33 6.23
O1 SO4 G . -11.06 31.03 5.69
O2 SO4 G . -10.06 33.08 6.18
O3 SO4 G . -11.73 32.21 7.59
O4 SO4 G . -12.28 33.01 5.45
S SO4 H . -11.29 34.06 12.88
O1 SO4 H . -11.78 33.41 14.06
O2 SO4 H . -9.88 34.32 13.04
O3 SO4 H . -11.98 35.30 12.67
O4 SO4 H . -11.50 33.21 11.74
S SO4 I . -16.32 14.80 -1.92
O1 SO4 I . -15.30 14.79 -2.91
O2 SO4 I . -16.00 13.82 -0.91
O3 SO4 I . -16.39 16.10 -1.32
O4 SO4 I . -17.58 14.48 -2.51
CL CL J . 14.66 22.33 2.09
S SO4 K . 15.20 -59.55 -4.94
O1 SO4 K . 16.46 -59.69 -4.26
O2 SO4 K . 14.59 -60.83 -5.10
O3 SO4 K . 15.42 -58.94 -6.22
O4 SO4 K . 14.34 -58.69 -4.15
S SO4 L . -16.50 -49.34 -13.82
O1 SO4 L . -15.45 -49.64 -12.89
O2 SO4 L . -17.39 -50.46 -13.92
O3 SO4 L . -15.94 -49.04 -15.10
O4 SO4 L . -17.23 -48.20 -13.34
S SO4 M . 5.38 -50.36 -14.18
O1 SO4 M . 4.84 -50.84 -12.95
O2 SO4 M . 6.69 -49.83 -13.96
O3 SO4 M . 4.53 -49.34 -14.72
O4 SO4 M . 5.47 -51.45 -15.12
S SO4 N . 30.31 33.43 -2.02
O1 SO4 N . 30.94 32.78 -3.12
O2 SO4 N . 31.27 33.63 -0.97
O3 SO4 N . 29.79 34.70 -2.45
O4 SO4 N . 29.24 32.62 -1.54
S SO4 O . 20.84 35.67 -16.73
O1 SO4 O . 21.81 34.62 -16.71
O2 SO4 O . 21.44 36.88 -16.28
O3 SO4 O . 20.35 35.85 -18.07
O4 SO4 O . 19.75 35.33 -15.87
S SO4 P . -6.05 -37.90 -17.73
O1 SO4 P . -6.54 -39.14 -18.23
O2 SO4 P . -5.36 -38.11 -16.50
O3 SO4 P . -7.14 -37.00 -17.51
O4 SO4 P . -5.15 -37.33 -18.69
S SO4 Q . -4.59 -21.88 -22.52
O1 SO4 Q . -3.53 -22.58 -23.17
O2 SO4 Q . -4.15 -21.41 -21.24
O3 SO4 Q . -5.00 -20.77 -23.33
O4 SO4 Q . -5.71 -22.76 -22.34
S SO4 R . -6.69 -3.06 25.34
O1 SO4 R . -6.29 -4.05 24.39
O2 SO4 R . -6.39 -3.52 26.67
O3 SO4 R . -5.96 -1.85 25.09
O4 SO4 R . -8.09 -2.81 25.22
CL CL S . 4.07 -4.06 -4.06
CL CL T . 0.28 -34.92 4.98
S SO4 U . -11.20 -49.51 10.38
O1 SO4 U . -10.85 -50.75 10.99
O2 SO4 U . -10.78 -48.42 11.23
O3 SO4 U . -10.52 -49.40 9.12
O4 SO4 U . -12.61 -49.45 10.19
S SO4 V . -18.31 -38.93 22.97
O1 SO4 V . -17.59 -40.00 22.36
O2 SO4 V . -17.80 -38.70 24.29
O3 SO4 V . -18.15 -37.75 22.19
O4 SO4 V . -19.70 -39.25 23.04
S SO4 W . -15.62 -36.65 -13.27
O1 SO4 W . -14.83 -35.48 -13.47
O2 SO4 W . -14.81 -37.66 -12.64
O3 SO4 W . -16.08 -37.14 -14.53
O4 SO4 W . -16.74 -36.33 -12.43
S SO4 X . -20.85 -35.89 16.51
O1 SO4 X . -20.82 -36.79 15.40
O2 SO4 X . -20.43 -36.57 17.69
O3 SO4 X . -19.98 -34.79 16.25
O4 SO4 X . -22.18 -35.41 16.69
#